data_2Q0O
#
_entry.id   2Q0O
#
_cell.length_a   56.900
_cell.length_b   62.480
_cell.length_c   65.500
_cell.angle_alpha   94.87
_cell.angle_beta   110.45
_cell.angle_gamma   99.17
#
_symmetry.space_group_name_H-M   'P 1'
#
loop_
_entity.id
_entity.type
_entity.pdbx_description
1 polymer 'Probable transcriptional activator protein traR'
2 polymer 'Probable transcriptional repressor traM'
3 non-polymer '3-OXO-OCTANOIC ACID (2-OXO-TETRAHYDRO-FURAN-3-YL)-AMIDE'
4 water water
#
loop_
_entity_poly.entity_id
_entity_poly.type
_entity_poly.pdbx_seq_one_letter_code
_entity_poly.pdbx_strand_id
1 'polypeptide(L)'
;MSVNGNLRSLIDMLEAAQDGHMIKIALRSFAHSCGYDRFAYLQKDGTQVRTFHSYPGPWESIYLGSDYFNIDPVLAEAKR
RRDVFFWTADAWPARGSSPLRRFRDEAISHGIRCGVTIPVEGSYGSAMMLTFASPERKVDISGVLDPKKAVQLLMMVHYQ
LKIIAAKTVLNPKQMLSPREMLCLVWASKGKTASVTANLTGINARTVQHYLDKARAKLDAESVPQLVAIAKDRGLV
;
A,B
2 'polypeptide(L)'
;MNDMGSSEVNDENKEKEARYSVMTKSELEALAVSAIREHRRLLWADQAVYEEWLRASDDPSISGPVLQTLQDEYVARQKR
SEAQQEELSDILDALGFVPDVPFDDDN
;
C,D
#
loop_
_chem_comp.id
_chem_comp.type
_chem_comp.name
_chem_comp.formula
LAE non-polymer '3-OXO-OCTANOIC ACID (2-OXO-TETRAHYDRO-FURAN-3-YL)-AMIDE' 'C12 H19 N O4'
#
# COMPACT_ATOMS: atom_id res chain seq x y z
N SER A 2 -8.13 -31.85 11.05
CA SER A 2 -9.11 -30.79 10.70
C SER A 2 -8.37 -29.45 10.63
N VAL A 3 -7.17 -29.42 11.20
CA VAL A 3 -6.37 -28.21 11.20
C VAL A 3 -6.23 -27.63 9.79
N ASN A 4 -5.69 -28.44 8.88
CA ASN A 4 -5.52 -27.99 7.50
C ASN A 4 -6.88 -27.73 6.87
N GLY A 5 -7.92 -28.38 7.39
CA GLY A 5 -9.24 -28.14 6.86
C GLY A 5 -9.72 -26.77 7.33
N ASN A 6 -9.48 -26.45 8.59
CA ASN A 6 -9.87 -25.14 9.11
C ASN A 6 -9.04 -24.07 8.41
N LEU A 7 -7.82 -24.44 8.02
CA LEU A 7 -6.94 -23.51 7.30
C LEU A 7 -7.50 -23.14 5.94
N ARG A 8 -7.96 -24.14 5.18
CA ARG A 8 -8.54 -23.86 3.87
C ARG A 8 -9.77 -22.99 4.02
N SER A 9 -10.51 -23.21 5.11
CA SER A 9 -11.71 -22.43 5.40
C SER A 9 -11.33 -20.98 5.73
N LEU A 10 -10.23 -20.80 6.46
CA LEU A 10 -9.74 -19.48 6.81
C LEU A 10 -9.39 -18.73 5.54
N ILE A 11 -8.67 -19.42 4.65
CA ILE A 11 -8.26 -18.81 3.38
C ILE A 11 -9.45 -18.23 2.63
N ASP A 12 -10.56 -18.95 2.61
CA ASP A 12 -11.75 -18.43 1.94
C ASP A 12 -12.31 -17.22 2.71
N MET A 13 -12.38 -17.33 4.03
CA MET A 13 -12.88 -16.22 4.83
C MET A 13 -12.05 -14.96 4.63
N LEU A 14 -10.74 -15.11 4.47
CA LEU A 14 -9.87 -13.96 4.27
C LEU A 14 -10.13 -13.23 2.95
N GLU A 15 -10.45 -13.99 1.91
CA GLU A 15 -10.72 -13.43 0.61
C GLU A 15 -11.96 -12.53 0.61
N ALA A 16 -12.96 -12.92 1.40
CA ALA A 16 -14.20 -12.15 1.47
C ALA A 16 -14.15 -11.02 2.50
N ALA A 17 -13.11 -11.02 3.34
CA ALA A 17 -12.97 -9.99 4.36
C ALA A 17 -12.82 -8.62 3.72
N GLN A 18 -13.70 -7.69 4.09
CA GLN A 18 -13.68 -6.34 3.54
C GLN A 18 -12.87 -5.35 4.37
N ASP A 19 -12.74 -5.62 5.67
CA ASP A 19 -12.01 -4.74 6.56
C ASP A 19 -11.23 -5.47 7.66
N GLY A 20 -10.51 -4.68 8.45
CA GLY A 20 -9.70 -5.24 9.53
C GLY A 20 -10.46 -6.08 10.52
N HIS A 21 -11.67 -5.66 10.83
CA HIS A 21 -12.50 -6.38 11.78
C HIS A 21 -12.87 -7.77 11.27
N MET A 22 -13.13 -7.87 9.97
CA MET A 22 -13.47 -9.16 9.39
C MET A 22 -12.27 -10.10 9.38
N ILE A 23 -11.08 -9.56 9.20
CA ILE A 23 -9.88 -10.40 9.20
C ILE A 23 -9.65 -10.97 10.60
N LYS A 24 -9.84 -10.14 11.63
CA LYS A 24 -9.66 -10.57 13.00
C LYS A 24 -10.61 -11.69 13.36
N ILE A 25 -11.87 -11.55 12.93
CA ILE A 25 -12.89 -12.56 13.21
C ILE A 25 -12.50 -13.90 12.61
N ALA A 26 -12.02 -13.86 11.36
CA ALA A 26 -11.61 -15.05 10.64
C ALA A 26 -10.39 -15.68 11.31
N LEU A 27 -9.40 -14.86 11.62
CA LEU A 27 -8.20 -15.38 12.28
C LEU A 27 -8.51 -15.93 13.67
N ARG A 28 -9.43 -15.29 14.38
CA ARG A 28 -9.81 -15.72 15.72
C ARG A 28 -10.54 -17.07 15.67
N SER A 29 -11.38 -17.28 14.67
CA SER A 29 -12.11 -18.53 14.56
C SER A 29 -11.12 -19.68 14.32
N PHE A 30 -10.18 -19.46 13.42
CA PHE A 30 -9.16 -20.46 13.12
C PHE A 30 -8.44 -20.82 14.39
N ALA A 31 -7.97 -19.79 15.10
CA ALA A 31 -7.25 -19.96 16.37
C ALA A 31 -7.99 -20.87 17.33
N HIS A 32 -9.26 -20.54 17.60
CA HIS A 32 -10.06 -21.35 18.51
C HIS A 32 -10.19 -22.81 18.06
N SER A 33 -10.47 -23.01 16.77
CA SER A 33 -10.64 -24.37 16.28
C SER A 33 -9.38 -25.22 16.47
N CYS A 34 -8.21 -24.59 16.50
CA CYS A 34 -6.95 -25.30 16.67
C CYS A 34 -6.51 -25.43 18.14
N GLY A 35 -7.23 -24.78 19.04
CA GLY A 35 -6.89 -24.87 20.46
C GLY A 35 -6.19 -23.66 21.05
N TYR A 36 -6.08 -22.58 20.28
CA TYR A 36 -5.43 -21.36 20.75
C TYR A 36 -6.52 -20.33 21.04
N ASP A 37 -6.14 -19.17 21.56
CA ASP A 37 -7.15 -18.16 21.81
C ASP A 37 -6.74 -16.76 21.36
N ARG A 38 -5.53 -16.65 20.82
CA ARG A 38 -5.00 -15.37 20.35
C ARG A 38 -4.07 -15.51 19.15
N PHE A 39 -3.97 -14.45 18.36
CA PHE A 39 -3.10 -14.45 17.20
C PHE A 39 -2.37 -13.11 17.13
N ALA A 40 -1.32 -13.06 16.32
CA ALA A 40 -0.57 -11.84 16.15
C ALA A 40 0.19 -11.85 14.86
N TYR A 41 0.03 -10.78 14.10
CA TYR A 41 0.73 -10.62 12.85
C TYR A 41 1.76 -9.54 13.13
N LEU A 42 3.03 -9.84 12.86
CA LEU A 42 4.09 -8.86 13.10
C LEU A 42 5.02 -8.69 11.91
N GLN A 43 5.28 -7.43 11.58
CA GLN A 43 6.17 -7.10 10.48
C GLN A 43 7.28 -6.22 11.06
N LYS A 44 8.53 -6.57 10.77
CA LYS A 44 9.66 -5.81 11.28
C LYS A 44 10.70 -5.41 10.25
N ASP A 45 10.93 -4.10 10.13
CA ASP A 45 11.90 -3.55 9.20
C ASP A 45 12.82 -2.63 10.00
N GLY A 46 14.08 -3.04 10.14
CA GLY A 46 15.02 -2.25 10.91
C GLY A 46 14.61 -2.27 12.37
N THR A 47 14.36 -1.10 12.94
CA THR A 47 13.93 -1.02 14.33
C THR A 47 12.43 -0.73 14.38
N GLN A 48 11.79 -0.73 13.22
CA GLN A 48 10.37 -0.46 13.15
C GLN A 48 9.53 -1.74 13.08
N VAL A 49 8.63 -1.87 14.04
CA VAL A 49 7.75 -3.02 14.14
C VAL A 49 6.32 -2.56 13.89
N ARG A 50 5.59 -3.34 13.10
CA ARG A 50 4.19 -3.07 12.80
C ARG A 50 3.44 -4.33 13.21
N THR A 51 2.30 -4.17 13.86
CA THR A 51 1.53 -5.32 14.32
C THR A 51 0.04 -5.24 13.98
N PHE A 52 -0.60 -6.40 14.06
CA PHE A 52 -2.03 -6.56 13.84
C PHE A 52 -2.29 -7.83 14.65
N HIS A 53 -2.95 -7.67 15.79
CA HIS A 53 -3.14 -8.81 16.69
C HIS A 53 -4.38 -8.78 17.57
N SER A 54 -4.51 -9.82 18.38
CA SER A 54 -5.63 -9.94 19.32
C SER A 54 -5.06 -10.16 20.72
N TYR A 55 -3.80 -9.79 20.90
CA TYR A 55 -3.15 -9.89 22.20
C TYR A 55 -3.73 -8.72 23.00
N PRO A 56 -3.77 -8.82 24.33
CA PRO A 56 -4.32 -7.73 25.16
C PRO A 56 -3.67 -6.35 24.96
N GLY A 57 -4.51 -5.32 24.91
CA GLY A 57 -4.02 -3.96 24.73
C GLY A 57 -2.85 -3.57 25.63
N PRO A 58 -2.93 -3.86 26.94
CA PRO A 58 -1.83 -3.51 27.81
C PRO A 58 -0.51 -4.19 27.47
N TRP A 59 -0.58 -5.38 26.88
CA TRP A 59 0.64 -6.09 26.50
C TRP A 59 1.29 -5.40 25.30
N GLU A 60 0.46 -4.85 24.41
CA GLU A 60 0.97 -4.15 23.23
C GLU A 60 1.73 -2.91 23.65
N SER A 61 1.22 -2.21 24.66
CA SER A 61 1.87 -1.01 25.18
C SER A 61 3.24 -1.39 25.72
N ILE A 62 3.29 -2.48 26.48
CA ILE A 62 4.53 -2.95 27.06
C ILE A 62 5.50 -3.43 25.99
N TYR A 63 5.02 -4.27 25.08
CA TYR A 63 5.87 -4.84 24.03
C TYR A 63 6.42 -3.77 23.11
N LEU A 64 5.54 -2.93 22.56
CA LEU A 64 5.95 -1.85 21.66
C LEU A 64 6.73 -0.75 22.36
N GLY A 65 6.33 -0.44 23.58
CA GLY A 65 6.95 0.62 24.35
C GLY A 65 8.29 0.32 24.98
N SER A 66 8.61 -0.97 25.15
CA SER A 66 9.87 -1.36 25.77
C SER A 66 10.79 -2.08 24.77
N ASP A 67 10.49 -1.96 23.48
CA ASP A 67 11.28 -2.60 22.42
C ASP A 67 11.53 -4.10 22.65
N TYR A 68 10.53 -4.82 23.14
CA TYR A 68 10.70 -6.25 23.37
C TYR A 68 11.03 -7.05 22.13
N PHE A 69 10.91 -6.42 20.95
CA PHE A 69 11.24 -7.10 19.71
C PHE A 69 12.71 -7.54 19.73
N ASN A 70 13.56 -6.82 20.46
CA ASN A 70 14.96 -7.19 20.49
C ASN A 70 15.33 -8.20 21.58
N ILE A 71 14.35 -8.61 22.37
CA ILE A 71 14.63 -9.60 23.41
C ILE A 71 13.75 -10.85 23.30
N ASP A 72 12.64 -10.74 22.56
CA ASP A 72 11.68 -11.83 22.38
C ASP A 72 12.28 -13.08 21.69
N PRO A 73 12.41 -14.20 22.42
CA PRO A 73 12.98 -15.42 21.83
C PRO A 73 12.30 -15.87 20.54
N VAL A 74 11.06 -15.46 20.33
CA VAL A 74 10.32 -15.82 19.12
C VAL A 74 10.81 -15.14 17.84
N LEU A 75 11.19 -13.86 17.94
CA LEU A 75 11.70 -13.18 16.77
C LEU A 75 13.09 -13.73 16.50
N ALA A 76 13.81 -14.03 17.57
CA ALA A 76 15.14 -14.58 17.46
C ALA A 76 15.07 -15.94 16.78
N GLU A 77 14.08 -16.74 17.15
CA GLU A 77 13.89 -18.06 16.56
C GLU A 77 13.54 -17.95 15.08
N ALA A 78 12.68 -16.99 14.75
CA ALA A 78 12.24 -16.76 13.38
C ALA A 78 13.37 -16.44 12.39
N LYS A 79 14.45 -15.81 12.84
CA LYS A 79 15.52 -15.49 11.91
C LYS A 79 16.68 -16.47 11.94
N ARG A 80 16.65 -17.40 12.88
CA ARG A 80 17.69 -18.43 12.98
C ARG A 80 17.24 -19.59 12.10
N ARG A 81 15.93 -19.69 11.90
CA ARG A 81 15.33 -20.75 11.08
C ARG A 81 14.17 -20.12 10.30
N ARG A 82 13.85 -20.67 9.14
CA ARG A 82 12.75 -20.12 8.35
C ARG A 82 11.68 -21.12 7.99
N ASP A 83 11.02 -21.64 9.03
CA ASP A 83 9.93 -22.58 8.88
C ASP A 83 9.06 -22.51 10.12
N VAL A 84 7.87 -23.08 10.03
CA VAL A 84 6.91 -23.08 11.14
C VAL A 84 7.52 -23.70 12.38
N PHE A 85 7.29 -23.09 13.53
CA PHE A 85 7.83 -23.65 14.76
C PHE A 85 7.00 -23.39 16.00
N PHE A 86 7.13 -24.31 16.94
CA PHE A 86 6.44 -24.24 18.20
C PHE A 86 7.38 -23.64 19.22
N TRP A 87 6.84 -22.82 20.11
CA TRP A 87 7.64 -22.21 21.14
C TRP A 87 6.84 -22.17 22.45
N THR A 88 7.54 -22.19 23.56
CA THR A 88 6.89 -22.11 24.86
C THR A 88 7.79 -21.41 25.88
N ALA A 89 7.20 -20.49 26.63
CA ALA A 89 7.94 -19.76 27.66
C ALA A 89 8.51 -20.76 28.65
N ASP A 90 7.90 -21.93 28.70
CA ASP A 90 8.32 -23.01 29.59
C ASP A 90 9.56 -23.64 28.96
N ALA A 91 10.42 -22.80 28.38
CA ALA A 91 11.64 -23.24 27.73
C ALA A 91 12.68 -22.12 27.71
N TRP A 92 12.39 -21.05 28.43
CA TRP A 92 13.30 -19.91 28.55
C TRP A 92 13.63 -19.80 30.03
N PRO A 93 14.43 -20.74 30.56
CA PRO A 93 14.83 -20.75 31.98
C PRO A 93 15.24 -19.39 32.53
N ALA A 94 14.84 -19.13 33.77
CA ALA A 94 15.14 -17.86 34.44
C ALA A 94 16.34 -17.97 35.37
N ARG A 95 16.08 -18.36 36.62
CA ARG A 95 17.13 -18.48 37.63
C ARG A 95 17.85 -17.15 37.81
N GLY A 96 17.09 -16.06 37.89
CA GLY A 96 17.68 -14.74 38.06
C GLY A 96 16.69 -13.63 37.71
N SER A 97 17.16 -12.39 37.68
CA SER A 97 16.31 -11.26 37.34
C SER A 97 16.79 -10.56 36.06
N SER A 98 17.07 -11.36 35.04
CA SER A 98 17.52 -10.85 33.75
C SER A 98 16.33 -10.22 33.02
N PRO A 99 16.59 -9.43 31.97
CA PRO A 99 15.49 -8.82 31.24
C PRO A 99 14.64 -9.91 30.59
N LEU A 100 15.28 -11.07 30.39
CA LEU A 100 14.64 -12.22 29.78
C LEU A 100 13.60 -12.84 30.71
N ARG A 101 13.87 -12.84 32.01
CA ARG A 101 12.90 -13.42 32.93
C ARG A 101 11.73 -12.46 33.11
N ARG A 102 12.01 -11.17 33.03
CA ARG A 102 10.98 -10.16 33.18
C ARG A 102 10.05 -10.25 31.97
N PHE A 103 10.63 -10.43 30.79
CA PHE A 103 9.83 -10.54 29.57
C PHE A 103 8.94 -11.78 29.64
N ARG A 104 9.52 -12.89 30.05
CA ARG A 104 8.79 -14.15 30.14
C ARG A 104 7.64 -14.10 31.15
N ASP A 105 7.89 -13.54 32.32
CA ASP A 105 6.84 -13.47 33.33
C ASP A 105 5.72 -12.52 32.94
N GLU A 106 6.06 -11.42 32.26
CA GLU A 106 5.04 -10.47 31.85
C GLU A 106 4.18 -11.05 30.72
N ALA A 107 4.81 -11.77 29.80
CA ALA A 107 4.06 -12.40 28.72
C ALA A 107 3.08 -13.38 29.35
N ILE A 108 3.57 -14.20 30.27
CA ILE A 108 2.70 -15.17 30.94
C ILE A 108 1.51 -14.50 31.64
N SER A 109 1.77 -13.41 32.37
CA SER A 109 0.71 -12.69 33.07
C SER A 109 -0.32 -12.13 32.11
N HIS A 110 0.03 -12.04 30.83
CA HIS A 110 -0.91 -11.50 29.86
C HIS A 110 -1.56 -12.60 29.00
N GLY A 111 -1.39 -13.84 29.45
CA GLY A 111 -1.98 -14.97 28.76
C GLY A 111 -1.23 -15.58 27.59
N ILE A 112 0.00 -15.13 27.38
CA ILE A 112 0.80 -15.64 26.27
C ILE A 112 1.83 -16.59 26.86
N ARG A 113 1.62 -17.89 26.70
CA ARG A 113 2.57 -18.85 27.25
C ARG A 113 3.20 -19.74 26.17
N CYS A 114 2.41 -20.16 25.20
CA CYS A 114 2.87 -21.03 24.12
C CYS A 114 2.26 -20.61 22.80
N GLY A 115 2.83 -21.13 21.72
CA GLY A 115 2.30 -20.83 20.41
C GLY A 115 3.08 -21.46 19.28
N VAL A 116 2.58 -21.22 18.08
CA VAL A 116 3.21 -21.69 16.87
C VAL A 116 3.39 -20.43 16.02
N THR A 117 4.55 -20.31 15.40
CA THR A 117 4.81 -19.14 14.57
C THR A 117 5.16 -19.55 13.16
N ILE A 118 4.71 -18.75 12.20
CA ILE A 118 4.99 -19.00 10.79
C ILE A 118 5.89 -17.86 10.38
N PRO A 119 7.17 -18.12 10.13
CA PRO A 119 8.10 -17.05 9.73
C PRO A 119 8.37 -16.94 8.24
N VAL A 120 8.42 -15.70 7.75
CA VAL A 120 8.72 -15.44 6.35
C VAL A 120 9.62 -14.22 6.21
N GLU A 121 10.71 -14.38 5.46
CA GLU A 121 11.62 -13.28 5.22
C GLU A 121 11.11 -12.53 3.98
N GLY A 122 10.76 -11.26 4.17
CA GLY A 122 10.26 -10.47 3.06
C GLY A 122 11.32 -9.77 2.24
N SER A 123 10.90 -8.76 1.50
CA SER A 123 11.80 -8.01 0.65
C SER A 123 12.61 -7.00 1.46
N TYR A 124 13.84 -6.80 1.02
CA TYR A 124 14.76 -5.86 1.64
C TYR A 124 15.00 -6.07 3.13
N GLY A 125 15.22 -7.33 3.51
CA GLY A 125 15.49 -7.64 4.90
C GLY A 125 14.32 -7.48 5.86
N SER A 126 13.12 -7.33 5.30
CA SER A 126 11.91 -7.19 6.10
C SER A 126 11.54 -8.55 6.63
N ALA A 127 11.08 -8.61 7.87
CA ALA A 127 10.71 -9.89 8.46
C ALA A 127 9.24 -9.85 8.85
N MET A 128 8.54 -10.93 8.55
CA MET A 128 7.13 -11.00 8.93
C MET A 128 6.80 -12.37 9.49
N MET A 129 5.76 -12.41 10.33
CA MET A 129 5.38 -13.67 10.93
C MET A 129 3.96 -13.62 11.45
N LEU A 130 3.34 -14.78 11.49
CA LEU A 130 1.99 -14.89 12.00
C LEU A 130 2.05 -15.96 13.08
N THR A 131 1.58 -15.63 14.27
CA THR A 131 1.58 -16.63 15.33
C THR A 131 0.24 -16.74 16.04
N PHE A 132 -0.01 -17.92 16.59
CA PHE A 132 -1.23 -18.22 17.34
C PHE A 132 -0.75 -18.62 18.71
N ALA A 133 -1.25 -17.91 19.72
CA ALA A 133 -0.83 -18.14 21.09
C ALA A 133 -1.91 -18.68 22.04
N SER A 134 -1.44 -19.27 23.13
CA SER A 134 -2.31 -19.85 24.13
C SER A 134 -1.75 -19.71 25.54
N PRO A 135 -2.63 -19.61 26.55
CA PRO A 135 -2.17 -19.50 27.94
C PRO A 135 -1.83 -20.88 28.51
N GLU A 136 -2.21 -21.93 27.80
CA GLU A 136 -1.93 -23.29 28.26
C GLU A 136 -0.49 -23.67 27.93
N ARG A 137 -0.03 -24.81 28.43
CA ARG A 137 1.35 -25.24 28.25
C ARG A 137 1.83 -25.87 26.94
N LYS A 138 1.01 -26.68 26.28
CA LYS A 138 1.51 -27.35 25.09
C LYS A 138 0.52 -27.57 23.94
N VAL A 139 0.11 -26.49 23.30
CA VAL A 139 -0.82 -26.57 22.17
C VAL A 139 0.06 -26.45 20.92
N ASP A 140 0.40 -27.59 20.33
CA ASP A 140 1.29 -27.60 19.17
C ASP A 140 0.75 -28.25 17.90
N ILE A 141 0.46 -27.41 16.91
CA ILE A 141 -0.04 -27.88 15.62
C ILE A 141 1.06 -27.82 14.56
N SER A 142 2.28 -27.43 14.95
CA SER A 142 3.36 -27.35 13.98
C SER A 142 3.60 -28.69 13.26
N GLY A 143 3.30 -29.79 13.93
CA GLY A 143 3.50 -31.10 13.32
C GLY A 143 2.54 -31.49 12.21
N VAL A 144 1.38 -30.84 12.13
CA VAL A 144 0.40 -31.17 11.11
C VAL A 144 0.08 -30.04 10.12
N LEU A 145 0.51 -28.82 10.43
CA LEU A 145 0.24 -27.68 9.55
C LEU A 145 1.06 -27.77 8.28
N ASP A 146 0.40 -27.74 7.12
CA ASP A 146 1.16 -27.81 5.88
C ASP A 146 1.99 -26.54 5.74
N PRO A 147 3.31 -26.70 5.61
CA PRO A 147 4.23 -25.56 5.48
C PRO A 147 3.91 -24.60 4.34
N LYS A 148 3.62 -25.12 3.16
CA LYS A 148 3.34 -24.28 1.99
C LYS A 148 2.05 -23.49 2.18
N LYS A 149 1.07 -24.12 2.82
CA LYS A 149 -0.21 -23.50 3.04
C LYS A 149 -0.10 -22.43 4.14
N ALA A 150 0.77 -22.67 5.11
CA ALA A 150 0.97 -21.72 6.20
C ALA A 150 1.60 -20.44 5.64
N VAL A 151 2.53 -20.61 4.69
CA VAL A 151 3.19 -19.46 4.07
C VAL A 151 2.14 -18.68 3.28
N GLN A 152 1.30 -19.41 2.54
CA GLN A 152 0.23 -18.80 1.73
C GLN A 152 -0.63 -17.90 2.61
N LEU A 153 -1.05 -18.43 3.76
CA LEU A 153 -1.85 -17.68 4.72
C LEU A 153 -1.13 -16.41 5.15
N LEU A 154 0.15 -16.53 5.50
CA LEU A 154 0.92 -15.34 5.90
C LEU A 154 0.98 -14.28 4.80
N MET A 155 1.15 -14.71 3.56
CA MET A 155 1.19 -13.76 2.45
C MET A 155 -0.19 -13.12 2.24
N MET A 156 -1.25 -13.91 2.40
CA MET A 156 -2.59 -13.40 2.23
C MET A 156 -2.89 -12.32 3.26
N VAL A 157 -2.59 -12.61 4.52
CA VAL A 157 -2.80 -11.65 5.60
C VAL A 157 -2.01 -10.39 5.29
N HIS A 158 -0.76 -10.58 4.89
CA HIS A 158 0.07 -9.44 4.57
C HIS A 158 -0.52 -8.56 3.47
N TYR A 159 -0.94 -9.16 2.36
CA TYR A 159 -1.49 -8.32 1.31
C TYR A 159 -2.89 -7.82 1.54
N GLN A 160 -3.72 -8.60 2.25
CA GLN A 160 -5.08 -8.15 2.56
C GLN A 160 -4.98 -6.88 3.39
N LEU A 161 -4.09 -6.89 4.38
CA LEU A 161 -3.90 -5.72 5.22
C LEU A 161 -3.37 -4.53 4.41
N LYS A 162 -2.46 -4.79 3.48
CA LYS A 162 -1.93 -3.72 2.65
C LYS A 162 -3.05 -3.12 1.80
N ILE A 163 -3.98 -3.98 1.37
CA ILE A 163 -5.09 -3.54 0.53
C ILE A 163 -6.12 -2.72 1.30
N ILE A 164 -6.35 -3.08 2.56
CA ILE A 164 -7.30 -2.36 3.38
C ILE A 164 -6.71 -1.02 3.78
N ALA A 165 -5.39 -0.99 3.96
CA ALA A 165 -4.70 0.24 4.31
C ALA A 165 -4.77 1.21 3.14
N ALA A 166 -4.76 0.66 1.94
CA ALA A 166 -4.81 1.46 0.71
C ALA A 166 -6.20 2.05 0.49
N LYS A 167 -7.22 1.43 1.09
CA LYS A 167 -8.57 1.91 0.93
C LYS A 167 -8.79 3.26 1.61
N THR A 168 -7.88 3.64 2.50
CA THR A 168 -7.99 4.92 3.21
C THR A 168 -6.79 5.83 2.96
N VAL A 169 -7.01 6.91 2.23
CA VAL A 169 -5.95 7.88 1.95
C VAL A 169 -6.16 9.09 2.87
N LEU A 170 -5.26 9.23 3.83
CA LEU A 170 -5.33 10.33 4.78
C LEU A 170 -4.55 11.53 4.27
N ASN A 171 -5.07 12.73 4.56
CA ASN A 171 -4.43 13.98 4.16
C ASN A 171 -3.71 14.51 5.41
N PRO A 172 -2.36 14.52 5.38
CA PRO A 172 -1.57 14.99 6.53
C PRO A 172 -2.03 16.32 7.13
N LYS A 173 -2.54 17.22 6.31
CA LYS A 173 -3.00 18.51 6.79
C LYS A 173 -4.15 18.36 7.79
N GLN A 174 -4.83 17.23 7.74
CA GLN A 174 -5.95 16.98 8.63
C GLN A 174 -5.59 16.09 9.82
N MET A 175 -4.38 15.57 9.80
CA MET A 175 -3.89 14.70 10.87
C MET A 175 -3.01 15.49 11.85
N LEU A 176 -3.10 15.13 13.12
CA LEU A 176 -2.30 15.78 14.13
C LEU A 176 -0.86 15.35 13.88
N SER A 177 0.08 16.27 14.10
CA SER A 177 1.49 15.98 13.94
C SER A 177 1.96 15.24 15.20
N PRO A 178 3.13 14.58 15.13
CA PRO A 178 3.60 13.87 16.32
C PRO A 178 3.68 14.81 17.54
N ARG A 179 4.03 16.07 17.28
CA ARG A 179 4.14 17.08 18.33
C ARG A 179 2.80 17.29 19.01
N GLU A 180 1.79 17.59 18.21
CA GLU A 180 0.44 17.83 18.72
C GLU A 180 -0.06 16.59 19.46
N MET A 181 0.21 15.42 18.88
CA MET A 181 -0.19 14.14 19.45
C MET A 181 0.34 13.94 20.87
N LEU A 182 1.65 14.14 21.06
CA LEU A 182 2.23 13.98 22.39
C LEU A 182 1.64 14.94 23.41
N CYS A 183 1.37 16.17 22.98
CA CYS A 183 0.80 17.15 23.90
C CYS A 183 -0.65 16.78 24.22
N LEU A 184 -1.35 16.19 23.27
CA LEU A 184 -2.73 15.79 23.49
C LEU A 184 -2.80 14.61 24.46
N VAL A 185 -1.87 13.65 24.35
CA VAL A 185 -1.87 12.52 25.25
C VAL A 185 -1.50 12.88 26.69
N TRP A 186 -0.51 13.76 26.87
CA TRP A 186 -0.09 14.18 28.21
C TRP A 186 -1.21 14.99 28.88
N ALA A 187 -1.98 15.71 28.09
CA ALA A 187 -3.08 16.48 28.67
C ALA A 187 -4.13 15.46 29.14
N SER A 188 -4.39 14.44 28.31
CA SER A 188 -5.35 13.41 28.63
C SER A 188 -4.91 12.63 29.87
N LYS A 189 -3.65 12.81 30.24
CA LYS A 189 -3.13 12.11 31.42
C LYS A 189 -3.07 13.02 32.63
N GLY A 190 -3.61 14.22 32.49
CA GLY A 190 -3.60 15.16 33.59
C GLY A 190 -2.37 16.01 33.80
N LYS A 191 -1.54 16.16 32.77
CA LYS A 191 -0.35 16.99 32.92
C LYS A 191 -0.64 18.41 32.42
N THR A 192 -0.12 19.40 33.12
CA THR A 192 -0.29 20.80 32.73
C THR A 192 0.68 21.07 31.59
N ALA A 193 0.62 22.29 31.04
CA ALA A 193 1.51 22.68 29.94
C ALA A 193 2.97 22.61 30.40
N SER A 194 3.21 23.04 31.63
CA SER A 194 4.54 23.04 32.23
C SER A 194 5.14 21.66 32.45
N VAL A 195 4.32 20.74 32.96
CA VAL A 195 4.77 19.37 33.19
C VAL A 195 5.02 18.74 31.82
N THR A 196 4.14 19.02 30.87
CA THR A 196 4.30 18.50 29.51
C THR A 196 5.60 18.98 28.89
N ALA A 197 5.87 20.28 29.03
CA ALA A 197 7.10 20.87 28.48
C ALA A 197 8.34 20.20 29.06
N ASN A 198 8.30 19.87 30.34
CA ASN A 198 9.42 19.21 30.98
C ASN A 198 9.63 17.77 30.52
N LEU A 199 8.57 17.15 30.04
CA LEU A 199 8.67 15.78 29.56
C LEU A 199 9.10 15.73 28.10
N THR A 200 8.45 16.53 27.28
CA THR A 200 8.69 16.57 25.84
C THR A 200 9.84 17.42 25.33
N GLY A 201 10.22 18.45 26.09
CA GLY A 201 11.29 19.32 25.64
C GLY A 201 10.68 20.50 24.89
N ILE A 202 9.37 20.48 24.71
CA ILE A 202 8.67 21.56 24.02
C ILE A 202 8.41 22.67 25.04
N ASN A 203 8.61 23.91 24.63
CA ASN A 203 8.39 25.05 25.51
C ASN A 203 6.94 25.05 26.01
N ALA A 204 6.72 25.45 27.26
CA ALA A 204 5.38 25.47 27.84
C ALA A 204 4.35 26.27 27.04
N ARG A 205 4.77 27.40 26.50
CA ARG A 205 3.86 28.23 25.71
C ARG A 205 3.58 27.63 24.35
N THR A 206 4.56 26.91 23.80
CA THR A 206 4.41 26.27 22.50
C THR A 206 3.43 25.09 22.63
N VAL A 207 3.45 24.43 23.79
CA VAL A 207 2.58 23.31 24.07
C VAL A 207 1.13 23.78 23.91
N GLN A 208 0.81 24.91 24.54
CA GLN A 208 -0.55 25.46 24.46
C GLN A 208 -0.89 25.79 23.02
N HIS A 209 0.12 26.20 22.25
CA HIS A 209 -0.09 26.54 20.84
C HIS A 209 -0.42 25.28 20.02
N TYR A 210 0.26 24.18 20.31
CA TYR A 210 0.03 22.90 19.62
C TYR A 210 -1.36 22.36 19.98
N LEU A 211 -1.79 22.57 21.22
CA LEU A 211 -3.11 22.11 21.62
C LEU A 211 -4.15 22.91 20.83
N ASP A 212 -3.87 24.19 20.61
CA ASP A 212 -4.77 25.06 19.83
C ASP A 212 -4.85 24.60 18.38
N LYS A 213 -3.72 24.15 17.84
CA LYS A 213 -3.72 23.66 16.47
C LYS A 213 -4.47 22.33 16.40
N ALA A 214 -4.27 21.50 17.42
CA ALA A 214 -4.95 20.21 17.47
C ALA A 214 -6.46 20.44 17.50
N ARG A 215 -6.89 21.48 18.23
CA ARG A 215 -8.30 21.81 18.33
C ARG A 215 -8.88 22.26 16.99
N ALA A 216 -8.14 23.09 16.25
CA ALA A 216 -8.61 23.54 14.95
C ALA A 216 -8.73 22.37 13.98
N LYS A 217 -7.77 21.46 14.00
CA LYS A 217 -7.82 20.29 13.12
C LYS A 217 -9.02 19.39 13.42
N LEU A 218 -9.35 19.21 14.70
CA LEU A 218 -10.47 18.35 15.06
C LEU A 218 -11.76 19.10 15.40
N ASP A 219 -11.76 20.41 15.16
CA ASP A 219 -12.92 21.26 15.42
C ASP A 219 -13.43 21.22 16.87
N ALA A 220 -12.51 21.30 17.83
CA ALA A 220 -12.88 21.27 19.24
C ALA A 220 -12.82 22.67 19.81
N GLU A 221 -13.75 22.96 20.72
CA GLU A 221 -13.83 24.27 21.37
C GLU A 221 -13.02 24.35 22.65
N SER A 222 -12.60 23.21 23.18
CA SER A 222 -11.81 23.16 24.39
C SER A 222 -10.98 21.90 24.39
N VAL A 223 -10.04 21.79 25.33
CA VAL A 223 -9.19 20.61 25.40
C VAL A 223 -9.98 19.39 25.85
N PRO A 224 -10.93 19.55 26.79
CA PRO A 224 -11.70 18.37 27.20
C PRO A 224 -12.44 17.80 25.98
N GLN A 225 -12.82 18.69 25.07
CA GLN A 225 -13.53 18.26 23.86
C GLN A 225 -12.52 17.62 22.93
N LEU A 226 -11.34 18.22 22.82
CA LEU A 226 -10.28 17.70 21.98
C LEU A 226 -10.06 16.23 22.37
N VAL A 227 -9.95 15.98 23.67
CA VAL A 227 -9.76 14.64 24.18
C VAL A 227 -10.94 13.73 23.84
N ALA A 228 -12.15 14.26 23.97
CA ALA A 228 -13.37 13.51 23.70
C ALA A 228 -13.40 13.01 22.25
N ILE A 229 -13.17 13.93 21.32
CA ILE A 229 -13.17 13.64 19.89
C ILE A 229 -12.02 12.70 19.50
N ALA A 230 -10.88 12.86 20.14
CA ALA A 230 -9.74 12.01 19.84
C ALA A 230 -10.04 10.58 20.30
N LYS A 231 -10.69 10.47 21.45
CA LYS A 231 -11.06 9.16 22.00
C LYS A 231 -12.05 8.46 21.09
N ASP A 232 -13.07 9.21 20.65
CA ASP A 232 -14.10 8.66 19.78
C ASP A 232 -13.54 8.16 18.44
N ARG A 233 -12.53 8.85 17.91
CA ARG A 233 -11.94 8.45 16.63
C ARG A 233 -10.87 7.37 16.76
N GLY A 234 -10.55 7.00 17.99
CA GLY A 234 -9.55 5.97 18.20
C GLY A 234 -8.12 6.49 18.01
N LEU A 235 -7.97 7.81 17.85
CA LEU A 235 -6.64 8.40 17.69
C LEU A 235 -5.81 8.05 18.91
N VAL A 236 -6.44 8.18 20.08
CA VAL A 236 -5.79 7.88 21.35
C VAL A 236 -6.75 7.09 22.26
N SER B 2 23.45 -18.76 -7.28
CA SER B 2 22.62 -19.90 -6.81
C SER B 2 21.16 -19.56 -7.06
N VAL B 3 20.33 -20.59 -7.14
CA VAL B 3 18.91 -20.39 -7.38
C VAL B 3 18.27 -19.56 -6.28
N ASN B 4 18.55 -19.88 -5.02
CA ASN B 4 17.94 -19.12 -3.94
C ASN B 4 18.50 -17.71 -3.82
N GLY B 5 19.73 -17.51 -4.28
CA GLY B 5 20.31 -16.18 -4.25
C GLY B 5 19.56 -15.30 -5.26
N ASN B 6 19.29 -15.86 -6.43
CA ASN B 6 18.56 -15.12 -7.47
C ASN B 6 17.09 -14.94 -7.08
N LEU B 7 16.55 -15.89 -6.32
CA LEU B 7 15.17 -15.83 -5.87
C LEU B 7 15.00 -14.69 -4.86
N ARG B 8 15.96 -14.55 -3.94
CA ARG B 8 15.92 -13.48 -2.95
C ARG B 8 16.00 -12.13 -3.67
N SER B 9 16.76 -12.10 -4.77
CA SER B 9 16.88 -10.88 -5.55
C SER B 9 15.55 -10.55 -6.25
N LEU B 10 14.92 -11.57 -6.83
CA LEU B 10 13.61 -11.44 -7.51
C LEU B 10 12.59 -10.84 -6.55
N ILE B 11 12.55 -11.36 -5.34
CA ILE B 11 11.63 -10.89 -4.33
C ILE B 11 11.81 -9.38 -4.06
N ASP B 12 13.05 -8.91 -4.01
CA ASP B 12 13.29 -7.49 -3.82
C ASP B 12 12.84 -6.72 -5.05
N MET B 13 13.16 -7.25 -6.23
CA MET B 13 12.78 -6.60 -7.49
C MET B 13 11.26 -6.49 -7.64
N LEU B 14 10.53 -7.51 -7.23
CA LEU B 14 9.07 -7.47 -7.34
C LEU B 14 8.45 -6.41 -6.42
N GLU B 15 8.99 -6.30 -5.20
CA GLU B 15 8.50 -5.30 -4.26
C GLU B 15 8.58 -3.91 -4.90
N ALA B 16 9.67 -3.65 -5.62
CA ALA B 16 9.89 -2.37 -6.27
C ALA B 16 9.18 -2.18 -7.62
N ALA B 17 8.54 -3.23 -8.13
CA ALA B 17 7.85 -3.12 -9.41
C ALA B 17 6.57 -2.29 -9.29
N GLN B 18 6.47 -1.24 -10.09
CA GLN B 18 5.32 -0.35 -10.06
C GLN B 18 4.33 -0.62 -11.18
N ASP B 19 4.72 -1.45 -12.15
CA ASP B 19 3.84 -1.78 -13.27
C ASP B 19 4.22 -3.12 -13.88
N GLY B 20 3.36 -3.63 -14.75
CA GLY B 20 3.59 -4.92 -15.39
C GLY B 20 4.91 -5.07 -16.12
N HIS B 21 5.32 -3.99 -16.78
CA HIS B 21 6.57 -3.97 -17.50
C HIS B 21 7.74 -4.27 -16.56
N MET B 22 7.71 -3.70 -15.35
CA MET B 22 8.78 -3.92 -14.37
C MET B 22 8.72 -5.34 -13.78
N ILE B 23 7.52 -5.89 -13.68
CA ILE B 23 7.35 -7.23 -13.15
C ILE B 23 7.90 -8.21 -14.17
N LYS B 24 7.62 -7.95 -15.45
CA LYS B 24 8.09 -8.81 -16.52
C LYS B 24 9.62 -8.83 -16.60
N ILE B 25 10.25 -7.67 -16.44
CA ILE B 25 11.71 -7.58 -16.48
C ILE B 25 12.34 -8.33 -15.29
N ALA B 26 11.71 -8.24 -14.13
CA ALA B 26 12.20 -8.92 -12.94
C ALA B 26 12.11 -10.43 -13.11
N LEU B 27 10.98 -10.91 -13.60
CA LEU B 27 10.78 -12.35 -13.81
C LEU B 27 11.68 -12.90 -14.92
N ARG B 28 11.97 -12.06 -15.91
CA ARG B 28 12.85 -12.45 -17.02
C ARG B 28 14.28 -12.62 -16.51
N SER B 29 14.71 -11.74 -15.60
CA SER B 29 16.05 -11.81 -15.01
C SER B 29 16.21 -13.09 -14.21
N PHE B 30 15.19 -13.42 -13.42
CA PHE B 30 15.25 -14.64 -12.64
C PHE B 30 15.32 -15.84 -13.57
N ALA B 31 14.41 -15.90 -14.53
CA ALA B 31 14.39 -17.01 -15.49
C ALA B 31 15.76 -17.19 -16.15
N HIS B 32 16.32 -16.11 -16.70
CA HIS B 32 17.63 -16.18 -17.34
C HIS B 32 18.68 -16.74 -16.39
N SER B 33 18.72 -16.21 -15.17
CA SER B 33 19.69 -16.66 -14.17
C SER B 33 19.60 -18.12 -13.78
N CYS B 34 18.42 -18.72 -13.97
CA CYS B 34 18.25 -20.11 -13.62
C CYS B 34 18.43 -21.03 -14.80
N GLY B 35 18.68 -20.44 -15.96
CA GLY B 35 18.89 -21.24 -17.16
C GLY B 35 17.68 -21.32 -18.07
N TYR B 36 16.62 -20.59 -17.73
CA TYR B 36 15.40 -20.60 -18.55
C TYR B 36 15.34 -19.40 -19.46
N ASP B 37 14.34 -19.37 -20.34
CA ASP B 37 14.20 -18.27 -21.28
C ASP B 37 12.89 -17.50 -21.12
N ARG B 38 11.79 -18.22 -20.98
CA ARG B 38 10.48 -17.60 -20.86
C ARG B 38 9.80 -17.97 -19.55
N PHE B 39 8.73 -17.27 -19.23
CA PHE B 39 7.99 -17.53 -18.02
C PHE B 39 6.52 -17.26 -18.30
N ALA B 40 5.66 -17.81 -17.46
CA ALA B 40 4.24 -17.61 -17.65
C ALA B 40 3.50 -17.75 -16.33
N TYR B 41 2.66 -16.78 -16.05
CA TYR B 41 1.83 -16.80 -14.87
C TYR B 41 0.42 -17.04 -15.39
N LEU B 42 -0.29 -18.00 -14.80
CA LEU B 42 -1.66 -18.30 -15.21
C LEU B 42 -2.56 -18.36 -13.97
N GLN B 43 -3.76 -17.82 -14.10
CA GLN B 43 -4.70 -17.82 -12.99
C GLN B 43 -6.04 -18.31 -13.52
N LYS B 44 -6.58 -19.35 -12.90
CA LYS B 44 -7.88 -19.87 -13.32
C LYS B 44 -8.92 -19.73 -12.22
N ASP B 45 -9.92 -18.88 -12.47
CA ASP B 45 -10.99 -18.68 -11.50
C ASP B 45 -12.25 -19.31 -12.08
N GLY B 46 -12.42 -20.60 -11.81
CA GLY B 46 -13.56 -21.31 -12.33
C GLY B 46 -13.52 -21.35 -13.85
N THR B 47 -14.35 -20.52 -14.47
CA THR B 47 -14.44 -20.46 -15.93
C THR B 47 -13.33 -19.64 -16.59
N GLN B 48 -13.18 -18.39 -16.16
CA GLN B 48 -12.19 -17.50 -16.74
C GLN B 48 -10.72 -17.84 -16.41
N VAL B 49 -9.86 -17.61 -17.39
CA VAL B 49 -8.44 -17.88 -17.26
C VAL B 49 -7.65 -16.64 -17.65
N ARG B 50 -6.76 -16.21 -16.76
CA ARG B 50 -5.94 -15.03 -17.02
C ARG B 50 -4.48 -15.44 -17.02
N THR B 51 -3.66 -14.74 -17.81
CA THR B 51 -2.23 -15.02 -17.87
C THR B 51 -1.41 -13.75 -18.02
N PHE B 52 -0.16 -13.84 -17.57
CA PHE B 52 0.82 -12.77 -17.65
C PHE B 52 2.06 -13.57 -18.05
N HIS B 53 2.56 -13.37 -19.26
CA HIS B 53 3.69 -14.19 -19.70
C HIS B 53 4.62 -13.54 -20.72
N SER B 54 5.72 -14.23 -21.01
CA SER B 54 6.67 -13.75 -21.98
C SER B 54 6.81 -14.77 -23.11
N TYR B 55 5.83 -15.65 -23.26
CA TYR B 55 5.87 -16.64 -24.35
C TYR B 55 5.67 -15.85 -25.66
N PRO B 56 6.22 -16.35 -26.78
CA PRO B 56 6.08 -15.65 -28.07
C PRO B 56 4.66 -15.38 -28.56
N GLY B 57 4.49 -14.23 -29.21
CA GLY B 57 3.19 -13.85 -29.75
C GLY B 57 2.48 -14.90 -30.58
N PRO B 58 3.16 -15.49 -31.59
CA PRO B 58 2.51 -16.51 -32.42
C PRO B 58 1.97 -17.70 -31.61
N TRP B 59 2.71 -18.15 -30.60
CA TRP B 59 2.28 -19.27 -29.77
C TRP B 59 1.07 -18.91 -28.92
N GLU B 60 0.97 -17.66 -28.50
CA GLU B 60 -0.16 -17.23 -27.68
C GLU B 60 -1.46 -17.22 -28.48
N SER B 61 -1.40 -16.77 -29.73
CA SER B 61 -2.58 -16.73 -30.57
C SER B 61 -3.09 -18.16 -30.80
N ILE B 62 -2.17 -19.08 -31.07
CA ILE B 62 -2.54 -20.47 -31.29
C ILE B 62 -3.13 -21.04 -30.01
N TYR B 63 -2.44 -20.84 -28.90
CA TYR B 63 -2.88 -21.35 -27.60
C TYR B 63 -4.29 -20.93 -27.24
N LEU B 64 -4.61 -19.66 -27.43
CA LEU B 64 -5.94 -19.14 -27.13
C LEU B 64 -6.90 -19.53 -28.27
N GLY B 65 -6.42 -19.45 -29.50
CA GLY B 65 -7.24 -19.80 -30.64
C GLY B 65 -7.47 -21.29 -30.81
N SER B 66 -7.21 -22.05 -29.77
CA SER B 66 -7.39 -23.49 -29.79
C SER B 66 -7.85 -23.95 -28.42
N ASP B 67 -7.90 -23.01 -27.48
CA ASP B 67 -8.29 -23.34 -26.11
C ASP B 67 -7.42 -24.48 -25.60
N TYR B 68 -6.13 -24.43 -25.90
CA TYR B 68 -5.20 -25.46 -25.47
C TYR B 68 -5.15 -25.66 -23.95
N PHE B 69 -5.83 -24.79 -23.20
CA PHE B 69 -5.88 -24.90 -21.75
C PHE B 69 -6.43 -26.27 -21.41
N ASN B 70 -7.42 -26.68 -22.18
CA ASN B 70 -8.11 -27.96 -22.00
C ASN B 70 -7.25 -29.20 -22.19
N ILE B 71 -6.12 -29.06 -22.89
CA ILE B 71 -5.26 -30.23 -23.13
C ILE B 71 -3.83 -30.13 -22.63
N ASP B 72 -3.41 -28.94 -22.22
CA ASP B 72 -2.05 -28.75 -21.74
C ASP B 72 -1.76 -29.73 -20.60
N PRO B 73 -0.84 -30.69 -20.83
CA PRO B 73 -0.56 -31.62 -19.74
C PRO B 73 -0.02 -30.87 -18.52
N VAL B 74 0.63 -29.73 -18.76
CA VAL B 74 1.17 -28.95 -17.65
C VAL B 74 0.08 -28.49 -16.68
N LEU B 75 -1.01 -27.90 -17.19
CA LEU B 75 -2.08 -27.44 -16.31
C LEU B 75 -2.75 -28.60 -15.58
N ALA B 76 -3.04 -29.68 -16.31
CA ALA B 76 -3.69 -30.84 -15.71
C ALA B 76 -2.88 -31.38 -14.55
N GLU B 77 -1.56 -31.46 -14.72
CA GLU B 77 -0.70 -31.96 -13.66
C GLU B 77 -0.61 -30.97 -12.48
N ALA B 78 -0.55 -29.68 -12.80
CA ALA B 78 -0.45 -28.63 -11.79
C ALA B 78 -1.55 -28.71 -10.73
N LYS B 79 -2.77 -29.04 -11.15
CA LYS B 79 -3.87 -29.13 -10.20
C LYS B 79 -3.85 -30.51 -9.54
N ARG B 80 -3.06 -31.41 -10.11
CA ARG B 80 -2.93 -32.77 -9.61
C ARG B 80 -1.85 -32.88 -8.54
N ARG B 81 -1.22 -31.76 -8.22
CA ARG B 81 -0.17 -31.75 -7.20
C ARG B 81 0.08 -30.35 -6.63
N ARG B 82 0.86 -30.27 -5.55
CA ARG B 82 1.12 -28.97 -4.93
C ARG B 82 2.59 -28.65 -4.70
N ASP B 83 3.47 -29.42 -5.32
CA ASP B 83 4.91 -29.16 -5.20
C ASP B 83 5.43 -28.67 -6.55
N VAL B 84 6.59 -28.03 -6.53
CA VAL B 84 7.19 -27.54 -7.76
C VAL B 84 7.61 -28.75 -8.58
N PHE B 85 7.16 -28.81 -9.83
CA PHE B 85 7.52 -29.95 -10.66
C PHE B 85 8.11 -29.62 -12.02
N PHE B 86 8.92 -30.56 -12.52
CA PHE B 86 9.55 -30.46 -13.83
C PHE B 86 8.72 -31.22 -14.84
N TRP B 87 8.62 -30.67 -16.05
CA TRP B 87 7.87 -31.30 -17.13
C TRP B 87 8.63 -31.10 -18.43
N THR B 88 8.39 -31.99 -19.39
CA THR B 88 9.03 -31.89 -20.70
C THR B 88 8.06 -32.34 -21.81
N ALA B 89 7.98 -31.56 -22.87
CA ALA B 89 7.10 -31.89 -23.99
C ALA B 89 7.56 -33.20 -24.64
N ASP B 90 8.78 -33.62 -24.32
CA ASP B 90 9.36 -34.86 -24.85
C ASP B 90 8.57 -36.11 -24.43
N ALA B 91 7.87 -36.03 -23.30
CA ALA B 91 7.10 -37.17 -22.79
C ALA B 91 5.71 -37.29 -23.42
N TRP B 92 5.40 -36.41 -24.37
CA TRP B 92 4.09 -36.45 -25.02
C TRP B 92 4.18 -37.09 -26.41
N PRO B 93 3.04 -37.60 -26.92
CA PRO B 93 2.94 -38.26 -28.24
C PRO B 93 3.67 -37.57 -29.38
N ALA B 94 4.59 -38.28 -30.02
CA ALA B 94 5.34 -37.74 -31.14
C ALA B 94 4.76 -38.29 -32.46
N ARG B 95 4.08 -39.42 -32.36
CA ARG B 95 3.47 -40.05 -33.52
C ARG B 95 1.96 -40.11 -33.30
N GLY B 96 1.20 -40.39 -34.36
CA GLY B 96 -0.24 -40.46 -34.20
C GLY B 96 -0.89 -39.12 -34.49
N SER B 97 -2.22 -39.08 -34.45
CA SER B 97 -2.93 -37.84 -34.74
C SER B 97 -3.73 -37.24 -33.59
N SER B 98 -3.44 -37.64 -32.36
CA SER B 98 -4.15 -37.08 -31.21
C SER B 98 -3.88 -35.59 -31.10
N PRO B 99 -4.71 -34.85 -30.34
CA PRO B 99 -4.51 -33.42 -30.18
C PRO B 99 -3.23 -33.06 -29.40
N LEU B 100 -2.76 -33.97 -28.57
CA LEU B 100 -1.54 -33.77 -27.79
C LEU B 100 -0.31 -33.83 -28.66
N ARG B 101 -0.36 -34.64 -29.72
CA ARG B 101 0.77 -34.76 -30.63
C ARG B 101 0.94 -33.43 -31.36
N ARG B 102 -0.17 -32.80 -31.72
CA ARG B 102 -0.10 -31.52 -32.40
C ARG B 102 0.31 -30.45 -31.40
N PHE B 103 -0.09 -30.63 -30.15
CA PHE B 103 0.26 -29.70 -29.08
C PHE B 103 1.77 -29.79 -28.87
N ARG B 104 2.30 -31.00 -28.88
CA ARG B 104 3.73 -31.21 -28.70
C ARG B 104 4.54 -30.50 -29.78
N ASP B 105 4.31 -30.87 -31.04
CA ASP B 105 5.02 -30.27 -32.17
C ASP B 105 5.04 -28.74 -32.17
N GLU B 106 3.89 -28.14 -31.90
CA GLU B 106 3.75 -26.68 -31.87
C GLU B 106 4.51 -26.04 -30.71
N ALA B 107 4.34 -26.59 -29.50
CA ALA B 107 5.01 -26.06 -28.32
C ALA B 107 6.50 -26.01 -28.57
N ILE B 108 7.06 -27.13 -29.00
CA ILE B 108 8.48 -27.24 -29.29
C ILE B 108 8.92 -26.32 -30.42
N SER B 109 8.07 -26.15 -31.42
CA SER B 109 8.43 -25.27 -32.53
C SER B 109 8.49 -23.82 -32.03
N HIS B 110 7.81 -23.56 -30.92
CA HIS B 110 7.80 -22.22 -30.35
C HIS B 110 8.76 -22.04 -29.16
N GLY B 111 9.70 -22.96 -29.01
CA GLY B 111 10.66 -22.87 -27.94
C GLY B 111 10.24 -23.34 -26.55
N ILE B 112 8.98 -23.72 -26.39
CA ILE B 112 8.48 -24.18 -25.08
C ILE B 112 8.59 -25.69 -24.96
N ARG B 113 9.82 -26.19 -24.76
CA ARG B 113 10.07 -27.62 -24.68
C ARG B 113 10.02 -28.25 -23.28
N CYS B 114 10.61 -27.60 -22.29
CA CYS B 114 10.60 -28.11 -20.92
C CYS B 114 10.51 -26.95 -19.94
N GLY B 115 10.25 -27.26 -18.67
CA GLY B 115 10.15 -26.23 -17.67
C GLY B 115 9.79 -26.72 -16.29
N VAL B 116 9.67 -25.80 -15.36
CA VAL B 116 9.29 -26.13 -14.00
C VAL B 116 8.09 -25.24 -13.74
N THR B 117 7.11 -25.77 -13.02
CA THR B 117 5.90 -25.05 -12.69
C THR B 117 5.65 -25.05 -11.18
N ILE B 118 5.22 -23.91 -10.65
CA ILE B 118 4.92 -23.75 -9.22
C ILE B 118 3.40 -23.67 -9.14
N PRO B 119 2.74 -24.71 -8.61
CA PRO B 119 1.27 -24.68 -8.50
C PRO B 119 0.77 -24.32 -7.11
N VAL B 120 -0.31 -23.54 -7.04
CA VAL B 120 -0.88 -23.15 -5.76
C VAL B 120 -2.39 -23.03 -5.89
N GLU B 121 -3.13 -23.67 -4.98
CA GLU B 121 -4.59 -23.55 -5.03
C GLU B 121 -4.96 -22.35 -4.16
N GLY B 122 -5.66 -21.38 -4.73
CA GLY B 122 -6.04 -20.22 -3.97
C GLY B 122 -7.39 -20.36 -3.29
N SER B 123 -8.04 -19.23 -3.10
CA SER B 123 -9.34 -19.20 -2.47
C SER B 123 -10.45 -19.58 -3.46
N TYR B 124 -11.54 -20.16 -2.94
CA TYR B 124 -12.68 -20.54 -3.77
C TYR B 124 -12.37 -21.50 -4.92
N GLY B 125 -11.36 -22.34 -4.74
CA GLY B 125 -11.01 -23.28 -5.78
C GLY B 125 -10.26 -22.65 -6.93
N SER B 126 -9.89 -21.39 -6.77
CA SER B 126 -9.14 -20.69 -7.81
C SER B 126 -7.79 -21.39 -7.96
N ALA B 127 -7.24 -21.38 -9.17
CA ALA B 127 -5.95 -22.03 -9.41
C ALA B 127 -4.91 -21.04 -9.95
N MET B 128 -3.70 -21.14 -9.43
CA MET B 128 -2.64 -20.24 -9.87
C MET B 128 -1.37 -21.04 -10.11
N MET B 129 -0.54 -20.58 -11.04
CA MET B 129 0.72 -21.27 -11.30
C MET B 129 1.72 -20.38 -12.02
N LEU B 130 3.00 -20.63 -11.76
CA LEU B 130 4.07 -19.86 -12.36
C LEU B 130 5.02 -20.86 -12.99
N THR B 131 5.26 -20.69 -14.28
CA THR B 131 6.13 -21.59 -15.02
C THR B 131 7.34 -20.87 -15.61
N PHE B 132 8.45 -21.59 -15.72
CA PHE B 132 9.65 -21.06 -16.35
C PHE B 132 9.99 -22.12 -17.39
N ALA B 133 10.00 -21.71 -18.66
CA ALA B 133 10.26 -22.63 -19.76
C ALA B 133 11.58 -22.43 -20.50
N SER B 134 12.02 -23.51 -21.15
CA SER B 134 13.26 -23.49 -21.90
C SER B 134 13.15 -24.30 -23.18
N PRO B 135 13.81 -23.85 -24.26
CA PRO B 135 13.75 -24.59 -25.52
C PRO B 135 14.67 -25.81 -25.48
N GLU B 136 15.54 -25.87 -24.47
CA GLU B 136 16.49 -26.96 -24.31
C GLU B 136 15.90 -28.29 -23.84
N ARG B 137 16.76 -29.30 -23.75
CA ARG B 137 16.34 -30.63 -23.34
C ARG B 137 15.86 -30.71 -21.91
N LYS B 138 16.76 -30.47 -20.96
CA LYS B 138 16.40 -30.54 -19.55
C LYS B 138 17.08 -29.51 -18.65
N VAL B 139 16.28 -28.58 -18.14
CA VAL B 139 16.74 -27.54 -17.22
C VAL B 139 15.75 -27.71 -16.08
N ASP B 140 16.21 -28.31 -14.99
CA ASP B 140 15.33 -28.60 -13.84
C ASP B 140 15.84 -28.12 -12.49
N ILE B 141 15.20 -27.07 -11.96
CA ILE B 141 15.58 -26.51 -10.66
C ILE B 141 14.60 -26.93 -9.56
N SER B 142 13.69 -27.82 -9.89
CA SER B 142 12.69 -28.28 -8.93
C SER B 142 13.33 -28.98 -7.72
N GLY B 143 14.56 -29.45 -7.89
CA GLY B 143 15.24 -30.13 -6.82
C GLY B 143 16.03 -29.21 -5.89
N VAL B 144 16.29 -27.98 -6.31
CA VAL B 144 17.04 -27.05 -5.46
C VAL B 144 16.19 -25.91 -4.94
N LEU B 145 15.16 -25.53 -5.69
CA LEU B 145 14.26 -24.44 -5.31
C LEU B 145 13.55 -24.74 -4.00
N ASP B 146 13.52 -23.77 -3.09
CA ASP B 146 12.84 -23.95 -1.81
C ASP B 146 11.32 -23.86 -1.97
N PRO B 147 10.61 -24.93 -1.58
CA PRO B 147 9.15 -25.01 -1.67
C PRO B 147 8.40 -23.81 -1.10
N LYS B 148 8.79 -23.37 0.09
CA LYS B 148 8.14 -22.25 0.75
C LYS B 148 8.36 -20.91 0.04
N LYS B 149 9.58 -20.66 -0.41
CA LYS B 149 9.91 -19.41 -1.11
C LYS B 149 9.20 -19.39 -2.45
N ALA B 150 9.07 -20.56 -3.05
CA ALA B 150 8.38 -20.70 -4.32
C ALA B 150 6.96 -20.20 -4.17
N VAL B 151 6.30 -20.60 -3.08
CA VAL B 151 4.93 -20.15 -2.82
C VAL B 151 4.89 -18.65 -2.54
N GLN B 152 5.86 -18.17 -1.76
CA GLN B 152 5.93 -16.75 -1.45
C GLN B 152 6.01 -15.97 -2.77
N LEU B 153 6.87 -16.43 -3.67
CA LEU B 153 7.02 -15.78 -4.97
C LEU B 153 5.74 -15.79 -5.80
N LEU B 154 5.02 -16.90 -5.77
CA LEU B 154 3.78 -17.03 -6.54
C LEU B 154 2.77 -16.06 -5.97
N MET B 155 2.73 -15.97 -4.65
CA MET B 155 1.79 -15.07 -4.00
C MET B 155 2.07 -13.60 -4.27
N MET B 156 3.34 -13.21 -4.36
CA MET B 156 3.68 -11.82 -4.62
C MET B 156 3.27 -11.44 -6.02
N VAL B 157 3.56 -12.33 -6.97
CA VAL B 157 3.20 -12.08 -8.36
C VAL B 157 1.70 -11.97 -8.46
N HIS B 158 0.98 -12.85 -7.76
CA HIS B 158 -0.48 -12.81 -7.79
C HIS B 158 -1.03 -11.47 -7.29
N TYR B 159 -0.61 -11.08 -6.08
CA TYR B 159 -1.08 -9.82 -5.53
C TYR B 159 -0.55 -8.60 -6.26
N GLN B 160 0.70 -8.66 -6.72
CA GLN B 160 1.26 -7.54 -7.45
C GLN B 160 0.38 -7.25 -8.67
N LEU B 161 0.01 -8.30 -9.40
CA LEU B 161 -0.82 -8.15 -10.59
C LEU B 161 -2.21 -7.58 -10.28
N LYS B 162 -2.77 -7.92 -9.13
CA LYS B 162 -4.08 -7.37 -8.77
C LYS B 162 -3.90 -5.88 -8.51
N ILE B 163 -2.83 -5.54 -7.79
CA ILE B 163 -2.50 -4.15 -7.46
C ILE B 163 -1.93 -3.46 -8.68
N ILE B 164 -2.59 -3.63 -9.82
CA ILE B 164 -2.17 -3.02 -11.08
C ILE B 164 -3.38 -3.08 -11.96
N ALA B 165 -4.05 -4.23 -11.94
CA ALA B 165 -5.25 -4.44 -12.73
C ALA B 165 -6.30 -3.49 -12.19
N ALA B 166 -6.02 -2.91 -11.02
CA ALA B 166 -6.94 -1.97 -10.40
C ALA B 166 -7.07 -0.71 -11.25
N LYS B 167 -8.21 -0.03 -11.10
CA LYS B 167 -8.50 1.20 -11.85
C LYS B 167 -7.35 2.21 -11.78
N THR B 168 -7.33 3.13 -12.73
CA THR B 168 -6.30 4.15 -12.79
C THR B 168 -6.16 4.93 -11.49
N VAL B 169 -7.20 5.69 -11.13
CA VAL B 169 -7.20 6.50 -9.91
C VAL B 169 -6.25 7.70 -10.01
N LEU B 170 -6.81 8.86 -10.34
CA LEU B 170 -6.01 10.06 -10.47
C LEU B 170 -6.14 10.95 -9.23
N ASN B 171 -5.14 11.80 -9.03
CA ASN B 171 -5.10 12.72 -7.91
C ASN B 171 -5.43 14.13 -8.40
N PRO B 172 -6.60 14.65 -8.02
CA PRO B 172 -7.08 15.99 -8.40
C PRO B 172 -5.99 17.05 -8.36
N LYS B 173 -5.21 17.03 -7.28
CA LYS B 173 -4.13 17.99 -7.09
C LYS B 173 -3.11 17.94 -8.23
N GLN B 174 -2.95 16.76 -8.82
CA GLN B 174 -2.00 16.58 -9.90
C GLN B 174 -2.55 16.93 -11.28
N MET B 175 -3.86 17.09 -11.37
CA MET B 175 -4.49 17.41 -12.64
C MET B 175 -4.71 18.91 -12.78
N LEU B 176 -4.67 19.42 -13.99
CA LEU B 176 -4.91 20.83 -14.20
C LEU B 176 -6.40 21.07 -14.01
N SER B 177 -6.75 22.19 -13.39
CA SER B 177 -8.15 22.50 -13.19
C SER B 177 -8.72 23.05 -14.49
N PRO B 178 -10.05 23.04 -14.64
CA PRO B 178 -10.67 23.56 -15.86
C PRO B 178 -10.23 24.96 -16.28
N ARG B 179 -10.19 25.90 -15.33
CA ARG B 179 -9.80 27.26 -15.69
C ARG B 179 -8.29 27.36 -15.97
N GLU B 180 -7.52 26.45 -15.41
CA GLU B 180 -6.06 26.41 -15.61
C GLU B 180 -5.80 25.87 -17.01
N MET B 181 -6.47 24.78 -17.35
CA MET B 181 -6.33 24.16 -18.67
C MET B 181 -6.68 25.15 -19.78
N LEU B 182 -7.70 25.98 -19.56
CA LEU B 182 -8.10 26.93 -20.59
C LEU B 182 -7.10 28.06 -20.76
N CYS B 183 -6.57 28.58 -19.67
CA CYS B 183 -5.60 29.65 -19.77
C CYS B 183 -4.37 29.17 -20.53
N LEU B 184 -3.97 27.93 -20.27
CA LEU B 184 -2.81 27.34 -20.92
C LEU B 184 -3.06 27.15 -22.43
N VAL B 185 -4.23 26.61 -22.78
CA VAL B 185 -4.55 26.38 -24.18
C VAL B 185 -4.57 27.69 -24.95
N TRP B 186 -5.17 28.73 -24.39
CA TRP B 186 -5.23 30.01 -25.09
C TRP B 186 -3.84 30.61 -25.21
N ALA B 187 -2.99 30.32 -24.24
CA ALA B 187 -1.62 30.80 -24.25
C ALA B 187 -0.90 30.09 -25.40
N SER B 188 -1.18 28.80 -25.57
CA SER B 188 -0.56 28.04 -26.64
C SER B 188 -1.09 28.52 -27.98
N LYS B 189 -2.22 29.22 -27.95
CA LYS B 189 -2.81 29.76 -29.17
C LYS B 189 -2.29 31.16 -29.42
N GLY B 190 -1.39 31.62 -28.56
CA GLY B 190 -0.80 32.93 -28.73
C GLY B 190 -1.65 34.09 -28.23
N LYS B 191 -2.62 33.80 -27.37
CA LYS B 191 -3.49 34.82 -26.82
C LYS B 191 -2.89 35.48 -25.58
N THR B 192 -3.11 36.80 -25.44
CA THR B 192 -2.62 37.53 -24.29
C THR B 192 -3.59 37.32 -23.12
N ALA B 193 -3.19 37.75 -21.94
CA ALA B 193 -4.03 37.61 -20.75
C ALA B 193 -5.37 38.33 -20.91
N SER B 194 -5.36 39.49 -21.58
CA SER B 194 -6.58 40.26 -21.77
C SER B 194 -7.53 39.61 -22.79
N VAL B 195 -6.98 39.05 -23.87
CA VAL B 195 -7.81 38.39 -24.87
C VAL B 195 -8.36 37.09 -24.25
N THR B 196 -7.56 36.44 -23.42
CA THR B 196 -7.99 35.22 -22.76
C THR B 196 -9.16 35.55 -21.84
N ALA B 197 -9.02 36.61 -21.08
CA ALA B 197 -10.06 37.05 -20.15
C ALA B 197 -11.32 37.28 -20.98
N ASN B 198 -11.21 38.15 -21.96
CA ASN B 198 -12.31 38.48 -22.84
C ASN B 198 -13.03 37.22 -23.34
N LEU B 199 -12.26 36.18 -23.65
CA LEU B 199 -12.82 34.93 -24.14
C LEU B 199 -13.44 34.02 -23.08
N THR B 200 -12.70 33.74 -22.00
CA THR B 200 -13.18 32.84 -20.95
C THR B 200 -13.99 33.45 -19.81
N GLY B 201 -13.88 34.74 -19.60
CA GLY B 201 -14.61 35.34 -18.51
C GLY B 201 -13.74 35.43 -17.27
N ILE B 202 -12.61 34.71 -17.31
CA ILE B 202 -11.67 34.74 -16.18
C ILE B 202 -11.04 36.12 -16.20
N ASN B 203 -10.83 36.71 -15.02
CA ASN B 203 -10.24 38.04 -14.96
C ASN B 203 -8.81 38.07 -15.49
N ALA B 204 -8.46 39.17 -16.17
CA ALA B 204 -7.15 39.34 -16.75
C ALA B 204 -5.96 39.10 -15.82
N ARG B 205 -5.89 39.84 -14.72
CA ARG B 205 -4.78 39.69 -13.79
C ARG B 205 -4.74 38.33 -13.10
N THR B 206 -5.85 37.62 -13.11
CA THR B 206 -5.90 36.30 -12.47
C THR B 206 -5.40 35.22 -13.43
N VAL B 207 -5.36 35.57 -14.72
CA VAL B 207 -4.91 34.65 -15.76
C VAL B 207 -3.48 34.22 -15.51
N GLN B 208 -2.60 35.19 -15.28
CA GLN B 208 -1.20 34.87 -15.04
C GLN B 208 -1.07 34.05 -13.76
N HIS B 209 -2.01 34.26 -12.85
CA HIS B 209 -2.01 33.53 -11.59
C HIS B 209 -2.31 32.06 -11.88
N TYR B 210 -3.27 31.80 -12.76
CA TYR B 210 -3.60 30.42 -13.11
C TYR B 210 -2.48 29.76 -13.91
N LEU B 211 -1.78 30.54 -14.73
CA LEU B 211 -0.67 30.00 -15.50
C LEU B 211 0.45 29.57 -14.56
N ASP B 212 0.73 30.39 -13.55
CA ASP B 212 1.78 30.05 -12.60
C ASP B 212 1.39 28.77 -11.87
N LYS B 213 0.10 28.62 -11.58
CA LYS B 213 -0.42 27.44 -10.89
C LYS B 213 -0.21 26.21 -11.78
N ALA B 214 -0.50 26.37 -13.07
CA ALA B 214 -0.33 25.27 -14.02
C ALA B 214 1.14 24.85 -14.05
N ARG B 215 2.03 25.85 -14.06
CA ARG B 215 3.46 25.54 -14.09
C ARG B 215 3.90 24.71 -12.88
N ALA B 216 3.38 25.04 -11.70
CA ALA B 216 3.73 24.30 -10.51
C ALA B 216 3.32 22.82 -10.61
N LYS B 217 2.12 22.56 -11.11
CA LYS B 217 1.66 21.19 -11.25
C LYS B 217 2.46 20.40 -12.28
N LEU B 218 2.94 21.07 -13.31
CA LEU B 218 3.70 20.38 -14.35
C LEU B 218 5.20 20.55 -14.17
N ASP B 219 5.61 21.35 -13.19
CA ASP B 219 7.02 21.56 -12.91
C ASP B 219 7.72 22.25 -14.10
N ALA B 220 7.18 23.38 -14.53
CA ALA B 220 7.75 24.12 -15.64
C ALA B 220 8.24 25.47 -15.13
N GLU B 221 9.38 25.91 -15.64
CA GLU B 221 9.94 27.19 -15.20
C GLU B 221 9.39 28.38 -15.98
N SER B 222 8.79 28.10 -17.14
CA SER B 222 8.23 29.17 -17.98
C SER B 222 7.01 28.69 -18.76
N VAL B 223 6.25 29.64 -19.31
CA VAL B 223 5.07 29.31 -20.08
C VAL B 223 5.43 28.48 -21.32
N PRO B 224 6.52 28.84 -22.03
CA PRO B 224 6.87 28.04 -23.20
C PRO B 224 7.16 26.58 -22.81
N GLN B 225 7.73 26.38 -21.63
CA GLN B 225 8.02 25.02 -21.18
C GLN B 225 6.71 24.35 -20.75
N LEU B 226 5.78 25.15 -20.23
CA LEU B 226 4.50 24.59 -19.80
C LEU B 226 3.83 23.97 -21.02
N VAL B 227 3.79 24.72 -22.11
CA VAL B 227 3.21 24.28 -23.37
C VAL B 227 3.90 23.00 -23.87
N ALA B 228 5.22 22.97 -23.80
CA ALA B 228 5.96 21.79 -24.25
C ALA B 228 5.61 20.56 -23.41
N ILE B 229 5.54 20.72 -22.10
CA ILE B 229 5.18 19.60 -21.22
C ILE B 229 3.74 19.14 -21.50
N ALA B 230 2.81 20.09 -21.54
CA ALA B 230 1.41 19.78 -21.78
C ALA B 230 1.25 19.04 -23.12
N LYS B 231 1.98 19.49 -24.13
CA LYS B 231 1.92 18.85 -25.44
C LYS B 231 2.42 17.41 -25.35
N ASP B 232 3.51 17.19 -24.62
CA ASP B 232 4.08 15.85 -24.46
C ASP B 232 3.20 14.91 -23.66
N ARG B 233 2.43 15.45 -22.71
CA ARG B 233 1.54 14.61 -21.91
C ARG B 233 0.19 14.50 -22.59
N GLY B 234 0.06 15.12 -23.77
CA GLY B 234 -1.19 15.07 -24.50
C GLY B 234 -2.35 15.66 -23.71
N LEU B 235 -2.20 16.91 -23.30
CA LEU B 235 -3.23 17.59 -22.53
C LEU B 235 -3.75 18.79 -23.30
N VAL B 236 -2.95 19.24 -24.27
CA VAL B 236 -3.31 20.40 -25.08
C VAL B 236 -3.01 20.11 -26.55
N GLU C 17 0.63 -1.21 36.76
CA GLU C 17 0.24 -0.52 38.02
C GLU C 17 1.15 -0.90 39.18
N ALA C 18 1.46 -2.19 39.28
CA ALA C 18 2.33 -2.69 40.33
C ALA C 18 3.67 -3.10 39.74
N ARG C 19 3.77 -2.97 38.41
CA ARG C 19 5.00 -3.33 37.72
C ARG C 19 6.16 -2.47 38.19
N TYR C 20 5.90 -1.17 38.38
CA TYR C 20 6.96 -0.26 38.81
C TYR C 20 6.93 0.13 40.29
N SER C 21 5.76 0.11 40.89
CA SER C 21 5.59 0.47 42.29
C SER C 21 6.55 -0.31 43.20
N VAL C 22 6.89 -1.52 42.77
CA VAL C 22 7.77 -2.40 43.54
C VAL C 22 9.23 -1.95 43.56
N MET C 23 9.56 -0.94 42.76
CA MET C 23 10.93 -0.44 42.72
C MET C 23 11.14 0.78 43.62
N THR C 24 12.38 1.02 44.01
CA THR C 24 12.69 2.16 44.85
C THR C 24 12.80 3.43 44.02
N LYS C 25 12.84 4.57 44.70
CA LYS C 25 12.92 5.86 44.02
C LYS C 25 14.15 5.97 43.12
N SER C 26 15.31 5.54 43.62
CA SER C 26 16.54 5.61 42.84
C SER C 26 16.54 4.68 41.61
N GLU C 27 15.76 3.60 41.65
CA GLU C 27 15.69 2.69 40.51
C GLU C 27 14.75 3.32 39.50
N LEU C 28 13.67 3.91 39.99
CA LEU C 28 12.70 4.54 39.11
C LEU C 28 13.28 5.76 38.43
N GLU C 29 13.96 6.63 39.18
CA GLU C 29 14.54 7.82 38.59
C GLU C 29 15.40 7.49 37.37
N ALA C 30 16.27 6.49 37.52
CA ALA C 30 17.14 6.08 36.43
C ALA C 30 16.32 5.62 35.20
N LEU C 31 15.29 4.82 35.45
CA LEU C 31 14.44 4.36 34.36
C LEU C 31 13.69 5.53 33.69
N ALA C 32 13.19 6.46 34.50
CA ALA C 32 12.44 7.61 33.99
C ALA C 32 13.27 8.50 33.07
N VAL C 33 14.47 8.83 33.52
CA VAL C 33 15.39 9.66 32.77
C VAL C 33 15.65 9.01 31.42
N SER C 34 15.95 7.72 31.44
CA SER C 34 16.20 6.98 30.22
C SER C 34 14.98 6.98 29.31
N ALA C 35 13.80 6.76 29.89
CA ALA C 35 12.55 6.73 29.14
C ALA C 35 12.20 8.11 28.56
N ILE C 36 12.51 9.17 29.29
CA ILE C 36 12.24 10.51 28.80
C ILE C 36 13.15 10.81 27.60
N ARG C 37 14.39 10.31 27.66
CA ARG C 37 15.32 10.51 26.56
C ARG C 37 14.83 9.82 25.29
N GLU C 38 14.24 8.64 25.44
CA GLU C 38 13.69 7.88 24.32
C GLU C 38 12.45 8.59 23.79
N HIS C 39 11.60 9.04 24.71
CA HIS C 39 10.39 9.78 24.37
C HIS C 39 10.76 10.92 23.41
N ARG C 40 11.80 11.69 23.74
CA ARG C 40 12.24 12.80 22.90
C ARG C 40 12.92 12.34 21.60
N ARG C 41 13.67 11.25 21.65
CA ARG C 41 14.32 10.78 20.43
C ARG C 41 13.27 10.34 19.42
N LEU C 42 12.22 9.66 19.90
CA LEU C 42 11.16 9.21 19.01
C LEU C 42 10.39 10.42 18.48
N LEU C 43 10.15 11.40 19.33
CA LEU C 43 9.45 12.59 18.87
C LEU C 43 10.18 13.25 17.71
N TRP C 44 11.48 13.47 17.84
CA TRP C 44 12.21 14.13 16.76
C TRP C 44 12.18 13.29 15.49
N ALA C 45 12.29 11.98 15.64
CA ALA C 45 12.27 11.09 14.48
C ALA C 45 10.91 11.11 13.78
N ASP C 46 9.84 10.94 14.55
CA ASP C 46 8.50 10.91 13.98
C ASP C 46 8.07 12.25 13.36
N GLN C 47 8.33 13.36 14.03
CA GLN C 47 7.98 14.68 13.53
C GLN C 47 8.61 14.92 12.14
N ALA C 48 9.80 14.38 11.94
CA ALA C 48 10.48 14.55 10.66
C ALA C 48 9.79 13.75 9.56
N VAL C 49 9.35 12.53 9.87
CA VAL C 49 8.68 11.70 8.88
C VAL C 49 7.36 12.37 8.51
N TYR C 50 6.68 12.93 9.51
CA TYR C 50 5.41 13.63 9.29
C TYR C 50 5.57 14.86 8.39
N GLU C 51 6.66 15.61 8.59
CA GLU C 51 6.89 16.81 7.78
C GLU C 51 7.20 16.43 6.33
N GLU C 52 7.81 15.28 6.13
CA GLU C 52 8.10 14.80 4.79
C GLU C 52 6.79 14.36 4.14
N TRP C 53 5.90 13.78 4.93
CA TRP C 53 4.63 13.33 4.40
C TRP C 53 3.78 14.54 4.02
N LEU C 54 3.77 15.54 4.88
CA LEU C 54 3.01 16.77 4.67
C LEU C 54 3.52 17.53 3.46
N ARG C 55 4.85 17.52 3.28
CA ARG C 55 5.47 18.18 2.15
C ARG C 55 5.14 17.44 0.86
N ALA C 56 5.28 16.11 0.89
CA ALA C 56 5.02 15.28 -0.26
C ALA C 56 3.59 15.34 -0.78
N SER C 57 2.63 15.47 0.13
CA SER C 57 1.23 15.52 -0.29
C SER C 57 0.94 16.78 -1.09
N ASP C 58 1.88 17.72 -1.11
CA ASP C 58 1.70 18.96 -1.86
C ASP C 58 2.68 19.05 -3.04
N ASP C 59 3.43 17.97 -3.25
CA ASP C 59 4.41 17.93 -4.33
C ASP C 59 3.91 17.03 -5.47
N PRO C 60 3.42 17.66 -6.57
CA PRO C 60 2.91 16.91 -7.73
C PRO C 60 3.90 15.92 -8.32
N SER C 61 5.14 15.96 -7.86
CA SER C 61 6.18 15.07 -8.34
C SER C 61 6.17 13.72 -7.64
N ILE C 62 5.37 13.58 -6.60
CA ILE C 62 5.29 12.33 -5.86
C ILE C 62 4.05 11.51 -6.24
N SER C 63 4.26 10.22 -6.46
CA SER C 63 3.19 9.31 -6.84
C SER C 63 2.41 8.80 -5.63
N GLY C 64 1.17 8.38 -5.87
CA GLY C 64 0.34 7.87 -4.79
C GLY C 64 1.01 6.78 -3.98
N PRO C 65 1.66 5.80 -4.63
CA PRO C 65 2.35 4.69 -3.95
C PRO C 65 3.44 5.13 -2.99
N VAL C 66 4.24 6.11 -3.40
CA VAL C 66 5.31 6.61 -2.55
C VAL C 66 4.68 7.33 -1.37
N LEU C 67 3.59 8.03 -1.65
CA LEU C 67 2.87 8.79 -0.64
C LEU C 67 2.27 7.85 0.41
N GLN C 68 1.70 6.73 -0.06
CA GLN C 68 1.08 5.75 0.84
C GLN C 68 2.10 5.16 1.81
N THR C 69 3.35 5.08 1.39
CA THR C 69 4.41 4.55 2.24
C THR C 69 4.64 5.51 3.40
N LEU C 70 4.65 6.81 3.12
CA LEU C 70 4.83 7.81 4.15
C LEU C 70 3.66 7.76 5.13
N GLN C 71 2.45 7.60 4.60
CA GLN C 71 1.25 7.51 5.44
C GLN C 71 1.34 6.32 6.39
N ASP C 72 1.80 5.18 5.88
CA ASP C 72 1.93 3.98 6.70
C ASP C 72 3.04 4.10 7.75
N GLU C 73 4.04 4.91 7.45
CA GLU C 73 5.13 5.13 8.39
C GLU C 73 4.56 5.92 9.56
N TYR C 74 3.87 7.01 9.22
CA TYR C 74 3.22 7.87 10.21
C TYR C 74 2.35 7.02 11.14
N VAL C 75 1.54 6.13 10.56
CA VAL C 75 0.66 5.28 11.36
C VAL C 75 1.39 4.28 12.26
N ALA C 76 2.44 3.64 11.75
CA ALA C 76 3.19 2.67 12.54
C ALA C 76 3.92 3.39 13.69
N ARG C 77 4.52 4.52 13.37
CA ARG C 77 5.25 5.28 14.38
C ARG C 77 4.32 5.83 15.45
N GLN C 78 3.11 6.22 15.07
CA GLN C 78 2.18 6.75 16.05
C GLN C 78 1.83 5.71 17.11
N LYS C 79 1.63 4.47 16.67
CA LYS C 79 1.27 3.40 17.61
C LYS C 79 2.43 3.11 18.57
N ARG C 80 3.65 3.08 18.05
CA ARG C 80 4.81 2.81 18.88
C ARG C 80 5.07 3.96 19.84
N SER C 81 4.87 5.18 19.37
CA SER C 81 5.09 6.37 20.18
C SER C 81 4.13 6.41 21.37
N GLU C 82 2.87 6.04 21.12
CA GLU C 82 1.88 6.03 22.20
C GLU C 82 2.25 4.95 23.24
N ALA C 83 2.75 3.81 22.77
CA ALA C 83 3.13 2.73 23.67
C ALA C 83 4.27 3.14 24.60
N GLN C 84 5.28 3.79 24.04
CA GLN C 84 6.42 4.20 24.84
C GLN C 84 5.99 5.29 25.82
N GLN C 85 5.05 6.13 25.40
CA GLN C 85 4.56 7.19 26.27
C GLN C 85 3.75 6.57 27.42
N GLU C 86 3.00 5.51 27.14
CA GLU C 86 2.23 4.84 28.19
C GLU C 86 3.19 4.20 29.19
N GLU C 87 4.26 3.61 28.68
CA GLU C 87 5.27 3.01 29.56
C GLU C 87 5.92 4.07 30.47
N LEU C 88 6.24 5.23 29.90
CA LEU C 88 6.84 6.34 30.65
C LEU C 88 5.85 6.90 31.68
N SER C 89 4.58 7.01 31.28
CA SER C 89 3.55 7.50 32.18
C SER C 89 3.40 6.62 33.43
N ASP C 90 3.53 5.31 33.26
CA ASP C 90 3.41 4.37 34.38
C ASP C 90 4.61 4.48 35.32
N ILE C 91 5.78 4.75 34.75
CA ILE C 91 6.99 4.91 35.55
C ILE C 91 6.81 6.19 36.38
N LEU C 92 6.44 7.27 35.72
CA LEU C 92 6.20 8.54 36.41
C LEU C 92 5.25 8.37 37.60
N ASP C 93 4.17 7.62 37.40
CA ASP C 93 3.18 7.37 38.44
C ASP C 93 3.78 6.74 39.70
N ALA C 94 4.67 5.77 39.53
CA ALA C 94 5.30 5.11 40.65
C ALA C 94 6.40 5.97 41.28
N LEU C 95 7.06 6.75 40.44
CA LEU C 95 8.16 7.62 40.86
C LEU C 95 7.66 8.78 41.68
N GLY C 96 6.53 9.35 41.27
CA GLY C 96 5.96 10.47 41.99
C GLY C 96 6.27 11.85 41.43
N PHE C 97 7.26 11.95 40.54
CA PHE C 97 7.63 13.26 39.97
C PHE C 97 8.35 13.15 38.63
N VAL C 98 8.50 14.27 37.96
CA VAL C 98 9.19 14.30 36.68
C VAL C 98 10.62 14.75 36.93
N PRO C 99 11.59 13.84 36.74
CA PRO C 99 13.02 14.17 36.96
C PRO C 99 13.58 15.08 35.87
N ASP C 100 14.67 15.76 36.17
CA ASP C 100 15.28 16.64 35.16
C ASP C 100 16.15 15.79 34.26
N VAL C 101 16.01 16.00 32.95
CA VAL C 101 16.80 15.25 31.99
C VAL C 101 17.70 16.18 31.19
N PRO C 102 19.00 16.17 31.51
CA PRO C 102 19.96 17.03 30.80
C PRO C 102 20.39 16.41 29.47
N GLU D 17 -12.21 20.09 -42.86
CA GLU D 17 -10.94 20.73 -42.41
C GLU D 17 -11.06 22.25 -42.41
N ALA D 18 -10.96 22.85 -43.59
CA ALA D 18 -11.04 24.30 -43.74
C ALA D 18 -12.27 24.73 -44.53
N ARG D 19 -13.43 24.27 -44.08
CA ARG D 19 -14.70 24.62 -44.73
C ARG D 19 -15.24 25.91 -44.11
N TYR D 20 -14.48 26.45 -43.16
CA TYR D 20 -14.84 27.70 -42.50
C TYR D 20 -14.43 28.85 -43.41
N SER D 21 -13.54 28.55 -44.36
CA SER D 21 -13.04 29.55 -45.30
C SER D 21 -14.13 29.94 -46.30
N VAL D 22 -15.04 29.02 -46.58
CA VAL D 22 -16.11 29.27 -47.53
C VAL D 22 -17.29 30.00 -46.91
N MET D 23 -17.19 30.26 -45.62
CA MET D 23 -18.25 30.95 -44.89
C MET D 23 -18.05 32.46 -44.91
N THR D 24 -19.16 33.19 -44.93
CA THR D 24 -19.11 34.64 -44.92
C THR D 24 -18.75 35.12 -43.53
N LYS D 25 -18.36 36.38 -43.43
CA LYS D 25 -18.00 37.00 -42.17
C LYS D 25 -19.20 36.95 -41.21
N SER D 26 -20.40 37.17 -41.75
CA SER D 26 -21.62 37.14 -40.94
C SER D 26 -21.86 35.76 -40.34
N GLU D 27 -21.66 34.71 -41.12
CA GLU D 27 -21.86 33.33 -40.63
C GLU D 27 -20.83 33.00 -39.55
N LEU D 28 -19.58 33.33 -39.84
CA LEU D 28 -18.46 33.08 -38.94
C LEU D 28 -18.63 33.81 -37.61
N GLU D 29 -19.08 35.06 -37.68
CA GLU D 29 -19.24 35.88 -36.50
C GLU D 29 -20.31 35.32 -35.57
N ALA D 30 -21.40 34.85 -36.16
CA ALA D 30 -22.50 34.29 -35.40
C ALA D 30 -21.99 33.00 -34.74
N LEU D 31 -21.26 32.19 -35.51
CA LEU D 31 -20.72 30.95 -34.99
C LEU D 31 -19.81 31.21 -33.80
N ALA D 32 -18.98 32.24 -33.90
CA ALA D 32 -18.04 32.60 -32.84
C ALA D 32 -18.75 33.14 -31.61
N VAL D 33 -19.73 34.00 -31.82
CA VAL D 33 -20.45 34.54 -30.69
C VAL D 33 -21.16 33.47 -29.87
N SER D 34 -21.67 32.43 -30.53
CA SER D 34 -22.35 31.38 -29.78
C SER D 34 -21.35 30.35 -29.25
N ALA D 35 -20.21 30.21 -29.94
CA ALA D 35 -19.17 29.28 -29.52
C ALA D 35 -18.48 29.84 -28.27
N ILE D 36 -18.40 31.16 -28.18
CA ILE D 36 -17.79 31.80 -27.02
C ILE D 36 -18.66 31.61 -25.75
N ARG D 37 -19.98 31.77 -25.91
CA ARG D 37 -20.87 31.58 -24.77
C ARG D 37 -20.83 30.13 -24.31
N GLU D 38 -20.83 29.21 -25.27
CA GLU D 38 -20.77 27.79 -24.95
C GLU D 38 -19.48 27.49 -24.18
N HIS D 39 -18.39 28.06 -24.68
CA HIS D 39 -17.06 27.92 -24.07
C HIS D 39 -17.16 28.34 -22.60
N ARG D 40 -17.72 29.52 -22.36
CA ARG D 40 -17.88 30.03 -21.00
C ARG D 40 -18.78 29.15 -20.13
N ARG D 41 -19.80 28.55 -20.74
CA ARG D 41 -20.72 27.71 -20.00
C ARG D 41 -20.04 26.42 -19.56
N LEU D 42 -19.32 25.77 -20.48
CA LEU D 42 -18.62 24.53 -20.15
C LEU D 42 -17.59 24.78 -19.05
N LEU D 43 -16.90 25.91 -19.13
CA LEU D 43 -15.90 26.24 -18.13
C LEU D 43 -16.51 26.28 -16.73
N TRP D 44 -17.59 27.05 -16.59
CA TRP D 44 -18.27 27.16 -15.31
C TRP D 44 -18.68 25.78 -14.77
N ALA D 45 -19.32 24.98 -15.60
CA ALA D 45 -19.76 23.66 -15.21
C ALA D 45 -18.59 22.71 -14.89
N ASP D 46 -17.58 22.73 -15.74
CA ASP D 46 -16.41 21.86 -15.53
C ASP D 46 -15.66 22.24 -14.26
N GLN D 47 -15.53 23.54 -14.00
CA GLN D 47 -14.82 23.99 -12.81
C GLN D 47 -15.52 23.49 -11.56
N ALA D 48 -16.85 23.50 -11.58
CA ALA D 48 -17.65 23.05 -10.45
C ALA D 48 -17.40 21.57 -10.12
N VAL D 49 -17.38 20.73 -11.15
CA VAL D 49 -17.15 19.30 -10.94
C VAL D 49 -15.73 19.03 -10.45
N TYR D 50 -14.76 19.74 -11.01
CA TYR D 50 -13.37 19.56 -10.61
C TYR D 50 -13.20 19.89 -9.13
N GLU D 51 -13.74 21.03 -8.71
CA GLU D 51 -13.66 21.47 -7.33
C GLU D 51 -14.35 20.45 -6.41
N GLU D 52 -15.46 19.91 -6.86
CA GLU D 52 -16.20 18.92 -6.08
C GLU D 52 -15.36 17.66 -5.99
N TRP D 53 -14.75 17.28 -7.11
CA TRP D 53 -13.91 16.11 -7.14
C TRP D 53 -12.74 16.34 -6.21
N LEU D 54 -12.25 17.58 -6.20
CA LEU D 54 -11.13 17.97 -5.36
C LEU D 54 -11.52 17.79 -3.89
N ARG D 55 -12.74 18.21 -3.57
CA ARG D 55 -13.28 18.11 -2.22
C ARG D 55 -13.51 16.66 -1.80
N ALA D 56 -14.22 15.92 -2.64
CA ALA D 56 -14.53 14.53 -2.35
C ALA D 56 -13.31 13.67 -2.03
N SER D 57 -12.27 13.73 -2.87
CA SER D 57 -11.07 12.95 -2.64
C SER D 57 -10.41 13.41 -1.35
N ASP D 58 -10.56 14.70 -1.07
CA ASP D 58 -9.99 15.30 0.13
C ASP D 58 -10.67 14.76 1.37
N ASP D 59 -11.70 13.94 1.16
CA ASP D 59 -12.44 13.34 2.27
C ASP D 59 -12.18 11.84 2.32
N PRO D 60 -11.60 11.37 3.43
CA PRO D 60 -11.31 9.93 3.57
C PRO D 60 -12.59 9.12 3.83
N SER D 61 -13.73 9.80 3.78
CA SER D 61 -15.03 9.17 3.99
C SER D 61 -15.55 8.60 2.67
N ILE D 62 -15.75 9.47 1.69
CA ILE D 62 -16.25 9.09 0.37
C ILE D 62 -15.54 7.82 -0.11
N SER D 63 -16.32 6.85 -0.58
CA SER D 63 -15.78 5.57 -1.06
C SER D 63 -14.96 5.70 -2.34
N GLY D 64 -14.41 4.56 -2.79
CA GLY D 64 -13.61 4.55 -4.00
C GLY D 64 -14.45 4.71 -5.25
N PRO D 65 -15.60 4.01 -5.35
CA PRO D 65 -16.49 4.09 -6.51
C PRO D 65 -17.10 5.48 -6.68
N VAL D 66 -17.34 6.17 -5.58
CA VAL D 66 -17.92 7.51 -5.62
C VAL D 66 -16.86 8.53 -5.99
N LEU D 67 -15.59 8.13 -5.89
CA LEU D 67 -14.50 9.02 -6.24
C LEU D 67 -14.14 8.79 -7.69
N GLN D 68 -14.40 7.57 -8.16
CA GLN D 68 -14.12 7.20 -9.54
C GLN D 68 -15.15 7.84 -10.46
N THR D 69 -16.39 7.91 -9.99
CA THR D 69 -17.46 8.50 -10.78
C THR D 69 -17.10 9.96 -11.09
N LEU D 70 -16.54 10.65 -10.09
CA LEU D 70 -16.14 12.04 -10.24
C LEU D 70 -14.93 12.19 -11.15
N GLN D 71 -14.05 11.19 -11.12
CA GLN D 71 -12.86 11.23 -11.96
C GLN D 71 -13.25 11.06 -13.41
N ASP D 72 -14.11 10.10 -13.68
CA ASP D 72 -14.55 9.85 -15.04
C ASP D 72 -15.27 11.06 -15.62
N GLU D 73 -16.13 11.68 -14.81
CA GLU D 73 -16.86 12.85 -15.27
C GLU D 73 -15.87 13.95 -15.60
N TYR D 74 -14.75 13.98 -14.88
CA TYR D 74 -13.72 14.97 -15.11
C TYR D 74 -12.99 14.65 -16.42
N VAL D 75 -12.61 13.39 -16.60
CA VAL D 75 -11.91 12.96 -17.81
C VAL D 75 -12.79 13.17 -19.04
N ALA D 76 -14.08 12.90 -18.90
CA ALA D 76 -15.04 13.05 -20.00
C ALA D 76 -15.23 14.52 -20.37
N ARG D 77 -15.48 15.36 -19.37
CA ARG D 77 -15.68 16.79 -19.60
C ARG D 77 -14.45 17.45 -20.21
N GLN D 78 -13.27 17.05 -19.72
CA GLN D 78 -12.04 17.62 -20.24
C GLN D 78 -11.90 17.32 -21.72
N LYS D 79 -12.39 16.14 -22.12
CA LYS D 79 -12.32 15.73 -23.52
C LYS D 79 -13.19 16.62 -24.39
N ARG D 80 -14.45 16.80 -23.99
CA ARG D 80 -15.38 17.64 -24.76
C ARG D 80 -14.90 19.09 -24.77
N SER D 81 -14.27 19.50 -23.68
CA SER D 81 -13.76 20.85 -23.58
C SER D 81 -12.68 21.10 -24.62
N GLU D 82 -11.80 20.11 -24.80
CA GLU D 82 -10.71 20.24 -25.76
C GLU D 82 -11.28 20.36 -27.16
N ALA D 83 -12.22 19.47 -27.48
CA ALA D 83 -12.85 19.47 -28.78
C ALA D 83 -13.59 20.77 -29.05
N GLN D 84 -14.34 21.25 -28.07
CA GLN D 84 -15.10 22.50 -28.21
C GLN D 84 -14.18 23.70 -28.37
N GLN D 85 -13.11 23.75 -27.57
CA GLN D 85 -12.17 24.85 -27.63
C GLN D 85 -11.38 24.87 -28.95
N GLU D 86 -10.99 23.70 -29.44
CA GLU D 86 -10.24 23.63 -30.70
C GLU D 86 -11.10 24.24 -31.81
N GLU D 87 -12.37 23.84 -31.84
CA GLU D 87 -13.30 24.32 -32.85
C GLU D 87 -13.45 25.83 -32.78
N LEU D 88 -13.57 26.38 -31.58
CA LEU D 88 -13.71 27.82 -31.42
C LEU D 88 -12.48 28.55 -31.94
N SER D 89 -11.32 27.94 -31.73
CA SER D 89 -10.07 28.54 -32.17
C SER D 89 -10.01 28.57 -33.70
N ASP D 90 -10.55 27.54 -34.34
CA ASP D 90 -10.56 27.49 -35.80
C ASP D 90 -11.52 28.53 -36.38
N ILE D 91 -12.64 28.74 -35.70
CA ILE D 91 -13.62 29.73 -36.14
C ILE D 91 -13.00 31.11 -36.06
N LEU D 92 -12.37 31.40 -34.92
CA LEU D 92 -11.73 32.69 -34.69
C LEU D 92 -10.60 32.96 -35.70
N ASP D 93 -9.87 31.90 -36.09
CA ASP D 93 -8.79 32.07 -37.06
C ASP D 93 -9.39 32.43 -38.41
N ALA D 94 -10.46 31.76 -38.80
CA ALA D 94 -11.11 32.05 -40.08
C ALA D 94 -11.75 33.43 -40.04
N LEU D 95 -12.25 33.82 -38.87
CA LEU D 95 -12.89 35.12 -38.71
C LEU D 95 -11.87 36.25 -38.82
N GLY D 96 -10.76 36.12 -38.10
CA GLY D 96 -9.74 37.14 -38.17
C GLY D 96 -9.82 38.14 -37.03
N PHE D 97 -10.60 37.83 -36.01
CA PHE D 97 -10.71 38.71 -34.86
C PHE D 97 -11.60 38.08 -33.81
N VAL D 98 -11.56 38.63 -32.61
CA VAL D 98 -12.36 38.11 -31.52
C VAL D 98 -13.53 39.04 -31.22
N PRO D 99 -14.77 38.59 -31.52
CA PRO D 99 -15.93 39.44 -31.26
C PRO D 99 -16.11 39.69 -29.77
N ASP D 100 -16.65 40.85 -29.43
CA ASP D 100 -16.87 41.18 -28.03
C ASP D 100 -18.20 40.58 -27.59
N VAL D 101 -18.14 39.64 -26.64
CA VAL D 101 -19.33 38.99 -26.13
C VAL D 101 -19.53 39.33 -24.65
N PRO D 102 -20.66 39.98 -24.33
CA PRO D 102 -20.98 40.36 -22.94
C PRO D 102 -21.08 39.21 -21.95
N PHE D 103 -20.90 39.51 -20.67
CA PHE D 103 -20.96 38.51 -19.61
C PHE D 103 -22.32 38.52 -18.88
C1 LAE E . 5.29 -13.83 22.16
C2 LAE E . 4.63 -12.74 22.97
O3 LAE E . 5.00 -12.87 24.21
C4 LAE E . 6.00 -14.06 24.57
C5 LAE E . 6.11 -14.62 23.08
O10 LAE E . 3.91 -11.91 22.58
N11 LAE E . 5.98 -13.19 21.01
C13 LAE E . 5.28 -13.55 19.87
C14 LAE E . 5.74 -12.92 18.57
C15 LAE E . 5.00 -11.68 18.02
C18 LAE E . 4.84 -10.46 18.96
C19 LAE E . 3.48 -9.80 18.85
C22 LAE E . 3.37 -8.61 19.81
C25 LAE E . 2.03 -7.88 19.76
C28 LAE E . 2.29 -6.72 20.68
O35 LAE E . 4.30 -14.27 19.75
O36 LAE E . 4.57 -11.68 16.91
C1 LAE F . 3.36 -25.09 -21.78
C2 LAE F . 3.08 -24.30 -23.05
O3 LAE F . 3.25 -25.08 -24.06
C4 LAE F . 3.68 -26.59 -23.78
C5 LAE F . 3.70 -26.46 -22.18
O10 LAE F . 2.78 -23.18 -23.13
N11 LAE F . 2.21 -24.90 -20.84
C13 LAE F . 2.64 -24.03 -19.85
C14 LAE F . 1.62 -23.59 -18.81
C15 LAE F . 1.05 -22.15 -18.89
C18 LAE F . 0.49 -21.71 -20.25
C19 LAE F . 0.67 -20.23 -20.53
C22 LAE F . 0.10 -19.85 -21.91
C25 LAE F . 0.26 -18.37 -22.26
C28 LAE F . 0.61 -18.55 -23.70
O35 LAE F . 3.73 -23.50 -19.70
O36 LAE F . 1.07 -21.42 -17.94
#